data_222D
# 
_entry.id   222D 
# 
_audit_conform.dict_name       mmcif_pdbx.dic 
_audit_conform.dict_version    5.387 
_audit_conform.dict_location   http://mmcif.pdb.org/dictionaries/ascii/mmcif_pdbx.dic 
# 
loop_
_database_2.database_id 
_database_2.database_code 
_database_2.pdbx_database_accession 
_database_2.pdbx_DOI 
PDB   222D         pdb_0000222d 10.2210/pdb222d/pdb 
RCSB  AHJ068       ?            ?                   
WWPDB D_1000177594 ?            ?                   
# 
loop_
_pdbx_audit_revision_history.ordinal 
_pdbx_audit_revision_history.data_content_type 
_pdbx_audit_revision_history.major_revision 
_pdbx_audit_revision_history.minor_revision 
_pdbx_audit_revision_history.revision_date 
1 'Structure model' 1 0 1996-01-31 
2 'Structure model' 1 1 2008-05-22 
3 'Structure model' 1 2 2011-07-13 
4 'Structure model' 1 3 2024-02-14 
# 
_pdbx_audit_revision_details.ordinal             1 
_pdbx_audit_revision_details.revision_ordinal    1 
_pdbx_audit_revision_details.data_content_type   'Structure model' 
_pdbx_audit_revision_details.provider            repository 
_pdbx_audit_revision_details.type                'Initial release' 
_pdbx_audit_revision_details.description         ? 
_pdbx_audit_revision_details.details             ? 
# 
loop_
_pdbx_audit_revision_group.ordinal 
_pdbx_audit_revision_group.revision_ordinal 
_pdbx_audit_revision_group.data_content_type 
_pdbx_audit_revision_group.group 
1 2 'Structure model' 'Version format compliance' 
2 3 'Structure model' 'Version format compliance' 
3 4 'Structure model' 'Data collection'           
4 4 'Structure model' 'Database references'       
5 4 'Structure model' 'Derived calculations'      
# 
loop_
_pdbx_audit_revision_category.ordinal 
_pdbx_audit_revision_category.revision_ordinal 
_pdbx_audit_revision_category.data_content_type 
_pdbx_audit_revision_category.category 
1 4 'Structure model' chem_comp_atom 
2 4 'Structure model' chem_comp_bond 
3 4 'Structure model' database_2     
4 4 'Structure model' struct_site    
# 
loop_
_pdbx_audit_revision_item.ordinal 
_pdbx_audit_revision_item.revision_ordinal 
_pdbx_audit_revision_item.data_content_type 
_pdbx_audit_revision_item.item 
1 4 'Structure model' '_database_2.pdbx_DOI'                
2 4 'Structure model' '_database_2.pdbx_database_accession' 
3 4 'Structure model' '_struct_site.pdbx_auth_asym_id'      
4 4 'Structure model' '_struct_site.pdbx_auth_comp_id'      
5 4 'Structure model' '_struct_site.pdbx_auth_seq_id'       
# 
_pdbx_database_status.status_code                     REL 
_pdbx_database_status.entry_id                        222D 
_pdbx_database_status.recvd_initial_deposition_date   1995-06-26 
_pdbx_database_status.deposit_site                    BNL 
_pdbx_database_status.process_site                    NDB 
_pdbx_database_status.SG_entry                        . 
_pdbx_database_status.pdb_format_compatible           Y 
_pdbx_database_status.status_code_mr                  ? 
_pdbx_database_status.status_code_sf                  ? 
_pdbx_database_status.status_code_cs                  ? 
_pdbx_database_status.status_code_nmr_data            ? 
_pdbx_database_status.methods_development_category    ? 
# 
loop_
_audit_author.name 
_audit_author.pdbx_ordinal 
'Gao, Y.-G.'     1 
'Robinson, H.'   2 
'Van Boom, J.H.' 3 
'Wang, A.H.-J.'  4 
# 
_citation.id                        primary 
_citation.title                     
'Influence of counter-ions on the crystal structures of DNA decamers: binding of [Co(NH3)6]3+ and Ba2+ to A-DNA.' 
_citation.journal_abbrev            Biophys.J. 
_citation.journal_volume            69 
_citation.page_first                559 
_citation.page_last                 568 
_citation.year                      1995 
_citation.journal_id_ASTM           BIOJAU 
_citation.country                   US 
_citation.journal_id_ISSN           0006-3495 
_citation.journal_id_CSD            0030 
_citation.book_publisher            ? 
_citation.pdbx_database_id_PubMed   8527670 
_citation.pdbx_database_id_DOI      ? 
# 
loop_
_citation_author.citation_id 
_citation_author.name 
_citation_author.ordinal 
_citation_author.identifier_ORCID 
primary 'Gao, Y.G.'      1 ? 
primary 'Robinson, H.'   2 ? 
primary 'van Boom, J.H.' 3 ? 
primary 'Wang, A.H.'     4 ? 
# 
loop_
_entity.id 
_entity.type 
_entity.src_method 
_entity.pdbx_description 
_entity.formula_weight 
_entity.pdbx_number_of_molecules 
_entity.pdbx_ec 
_entity.pdbx_mutation 
_entity.pdbx_fragment 
_entity.details 
1 polymer     syn 
;DNA/RNA (5'-R(*GP*CP*)-D(*GP*TP*AP*TP*AP*CP*GP*C)-3')
;
3077.005 2  ? ? ? ? 
2 non-polymer syn 'COBALT HEXAMMINE(III)'                                 161.116  2  ? ? ? ? 
3 water       nat water                                                   18.015   72 ? ? ? ? 
# 
_entity_poly.entity_id                      1 
_entity_poly.type                           'polydeoxyribonucleotide/polyribonucleotide hybrid' 
_entity_poly.nstd_linkage                   no 
_entity_poly.nstd_monomer                   no 
_entity_poly.pdbx_seq_one_letter_code       'GC(DG)(DT)(DA)(DT)(DA)(DC)(DG)(DC)' 
_entity_poly.pdbx_seq_one_letter_code_can   GCGTATACGC 
_entity_poly.pdbx_strand_id                 A,B 
_entity_poly.pdbx_target_identifier         ? 
# 
loop_
_pdbx_entity_nonpoly.entity_id 
_pdbx_entity_nonpoly.name 
_pdbx_entity_nonpoly.comp_id 
2 'COBALT HEXAMMINE(III)' NCO 
3 water                   HOH 
# 
loop_
_entity_poly_seq.entity_id 
_entity_poly_seq.num 
_entity_poly_seq.mon_id 
_entity_poly_seq.hetero 
1 1  G  n 
1 2  C  n 
1 3  DG n 
1 4  DT n 
1 5  DA n 
1 6  DT n 
1 7  DA n 
1 8  DC n 
1 9  DG n 
1 10 DC n 
# 
loop_
_chem_comp.id 
_chem_comp.type 
_chem_comp.mon_nstd_flag 
_chem_comp.name 
_chem_comp.pdbx_synonyms 
_chem_comp.formula 
_chem_comp.formula_weight 
C   'RNA linking' y "CYTIDINE-5'-MONOPHOSPHATE"          ? 'C9 H14 N3 O8 P'  323.197 
DA  'DNA linking' y "2'-DEOXYADENOSINE-5'-MONOPHOSPHATE" ? 'C10 H14 N5 O6 P' 331.222 
DC  'DNA linking' y "2'-DEOXYCYTIDINE-5'-MONOPHOSPHATE"  ? 'C9 H14 N3 O7 P'  307.197 
DG  'DNA linking' y "2'-DEOXYGUANOSINE-5'-MONOPHOSPHATE" ? 'C10 H14 N5 O7 P' 347.221 
DT  'DNA linking' y "THYMIDINE-5'-MONOPHOSPHATE"         ? 'C10 H15 N2 O8 P' 322.208 
G   'RNA linking' y "GUANOSINE-5'-MONOPHOSPHATE"         ? 'C10 H14 N5 O8 P' 363.221 
HOH non-polymer   . WATER                                ? 'H2 O'            18.015  
NCO non-polymer   . 'COBALT HEXAMMINE(III)'              ? 'Co H18 N6 3'     161.116 
# 
loop_
_pdbx_poly_seq_scheme.asym_id 
_pdbx_poly_seq_scheme.entity_id 
_pdbx_poly_seq_scheme.seq_id 
_pdbx_poly_seq_scheme.mon_id 
_pdbx_poly_seq_scheme.ndb_seq_num 
_pdbx_poly_seq_scheme.pdb_seq_num 
_pdbx_poly_seq_scheme.auth_seq_num 
_pdbx_poly_seq_scheme.pdb_mon_id 
_pdbx_poly_seq_scheme.auth_mon_id 
_pdbx_poly_seq_scheme.pdb_strand_id 
_pdbx_poly_seq_scheme.pdb_ins_code 
_pdbx_poly_seq_scheme.hetero 
A 1 1  G  1  1  1  G  G A . n 
A 1 2  C  2  2  2  C  C A . n 
A 1 3  DG 3  3  3  DG G A . n 
A 1 4  DT 4  4  4  DT T A . n 
A 1 5  DA 5  5  5  DA A A . n 
A 1 6  DT 6  6  6  DT T A . n 
A 1 7  DA 7  7  7  DA A A . n 
A 1 8  DC 8  8  8  DC C A . n 
A 1 9  DG 9  9  9  DG G A . n 
A 1 10 DC 10 10 10 DC C A . n 
B 1 1  G  1  11 11 G  G B . n 
B 1 2  C  2  12 12 C  C B . n 
B 1 3  DG 3  13 13 DG G B . n 
B 1 4  DT 4  14 14 DT T B . n 
B 1 5  DA 5  15 15 DA A B . n 
B 1 6  DT 6  16 16 DT T B . n 
B 1 7  DA 7  17 17 DA A B . n 
B 1 8  DC 8  18 18 DC C B . n 
B 1 9  DG 9  19 19 DG G B . n 
B 1 10 DC 10 20 20 DC C B . n 
# 
loop_
_pdbx_nonpoly_scheme.asym_id 
_pdbx_nonpoly_scheme.entity_id 
_pdbx_nonpoly_scheme.mon_id 
_pdbx_nonpoly_scheme.ndb_seq_num 
_pdbx_nonpoly_scheme.pdb_seq_num 
_pdbx_nonpoly_scheme.auth_seq_num 
_pdbx_nonpoly_scheme.pdb_mon_id 
_pdbx_nonpoly_scheme.auth_mon_id 
_pdbx_nonpoly_scheme.pdb_strand_id 
_pdbx_nonpoly_scheme.pdb_ins_code 
C 2 NCO 1  22 22 NCO NCO A . 
D 2 NCO 1  21 21 NCO NCO B . 
E 3 HOH 1  23 23 HOH HOH A . 
E 3 HOH 2  24 24 HOH HOH A . 
E 3 HOH 3  25 25 HOH HOH A . 
E 3 HOH 4  26 26 HOH HOH A . 
E 3 HOH 5  27 27 HOH HOH A . 
E 3 HOH 6  28 28 HOH HOH A . 
E 3 HOH 7  31 31 HOH HOH A . 
E 3 HOH 8  32 32 HOH HOH A . 
E 3 HOH 9  33 33 HOH HOH A . 
E 3 HOH 10 35 35 HOH HOH A . 
E 3 HOH 11 37 37 HOH HOH A . 
E 3 HOH 12 39 39 HOH HOH A . 
E 3 HOH 13 42 42 HOH HOH A . 
E 3 HOH 14 43 43 HOH HOH A . 
E 3 HOH 15 44 44 HOH HOH A . 
E 3 HOH 16 46 46 HOH HOH A . 
E 3 HOH 17 47 47 HOH HOH A . 
E 3 HOH 18 48 48 HOH HOH A . 
E 3 HOH 19 49 49 HOH HOH A . 
E 3 HOH 20 50 50 HOH HOH A . 
E 3 HOH 21 52 52 HOH HOH A . 
E 3 HOH 22 54 54 HOH HOH A . 
E 3 HOH 23 57 57 HOH HOH A . 
E 3 HOH 24 58 58 HOH HOH A . 
E 3 HOH 25 62 62 HOH HOH A . 
E 3 HOH 26 64 64 HOH HOH A . 
E 3 HOH 27 67 67 HOH HOH A . 
E 3 HOH 28 69 69 HOH HOH A . 
E 3 HOH 29 71 71 HOH HOH A . 
E 3 HOH 30 73 73 HOH HOH A . 
E 3 HOH 31 74 74 HOH HOH A . 
E 3 HOH 32 77 77 HOH HOH A . 
E 3 HOH 33 79 79 HOH HOH A . 
E 3 HOH 34 81 81 HOH HOH A . 
E 3 HOH 35 82 82 HOH HOH A . 
E 3 HOH 36 91 91 HOH HOH A . 
E 3 HOH 37 92 92 HOH HOH A . 
F 3 HOH 1  29 29 HOH HOH B . 
F 3 HOH 2  30 30 HOH HOH B . 
F 3 HOH 3  34 34 HOH HOH B . 
F 3 HOH 4  36 36 HOH HOH B . 
F 3 HOH 5  38 38 HOH HOH B . 
F 3 HOH 6  40 40 HOH HOH B . 
F 3 HOH 7  41 41 HOH HOH B . 
F 3 HOH 8  45 45 HOH HOH B . 
F 3 HOH 9  51 51 HOH HOH B . 
F 3 HOH 10 53 53 HOH HOH B . 
F 3 HOH 11 55 55 HOH HOH B . 
F 3 HOH 12 56 56 HOH HOH B . 
F 3 HOH 13 59 59 HOH HOH B . 
F 3 HOH 14 60 60 HOH HOH B . 
F 3 HOH 15 61 61 HOH HOH B . 
F 3 HOH 16 63 63 HOH HOH B . 
F 3 HOH 17 65 65 HOH HOH B . 
F 3 HOH 18 66 66 HOH HOH B . 
F 3 HOH 19 68 68 HOH HOH B . 
F 3 HOH 20 70 70 HOH HOH B . 
F 3 HOH 21 72 72 HOH HOH B . 
F 3 HOH 22 75 75 HOH HOH B . 
F 3 HOH 23 76 76 HOH HOH B . 
F 3 HOH 24 78 78 HOH HOH B . 
F 3 HOH 25 80 80 HOH HOH B . 
F 3 HOH 26 83 83 HOH HOH B . 
F 3 HOH 27 84 84 HOH HOH B . 
F 3 HOH 28 85 85 HOH HOH B . 
F 3 HOH 29 86 86 HOH HOH B . 
F 3 HOH 30 87 87 HOH HOH B . 
F 3 HOH 31 88 88 HOH HOH B . 
F 3 HOH 32 89 89 HOH HOH B . 
F 3 HOH 33 90 90 HOH HOH B . 
F 3 HOH 34 93 93 HOH HOH B . 
F 3 HOH 35 94 94 HOH HOH B . 
# 
_software.name             NUCLSQ 
_software.classification   refinement 
_software.version          . 
_software.citation_id      ? 
_software.pdbx_ordinal     1 
# 
_cell.entry_id           222D 
_cell.length_a           25.239 
_cell.length_b           44.565 
_cell.length_c           45.296 
_cell.angle_alpha        90.00 
_cell.angle_beta         90.00 
_cell.angle_gamma        90.00 
_cell.Z_PDB              8 
_cell.pdbx_unique_axis   ? 
# 
_symmetry.entry_id                         222D 
_symmetry.space_group_name_H-M             'P 21 21 21' 
_symmetry.pdbx_full_space_group_name_H-M   ? 
_symmetry.cell_setting                     ? 
_symmetry.Int_Tables_number                19 
# 
_exptl.entry_id          222D 
_exptl.method            'X-RAY DIFFRACTION' 
_exptl.crystals_number   ? 
# 
_exptl_crystal.id                    1 
_exptl_crystal.density_meas          ? 
_exptl_crystal.density_Matthews      2.07 
_exptl_crystal.density_percent_sol   40.57 
_exptl_crystal.description           ? 
# 
_exptl_crystal_grow.crystal_id      1 
_exptl_crystal_grow.method          'VAPOR DIFFUSION' 
_exptl_crystal_grow.temp            ? 
_exptl_crystal_grow.temp_details    ? 
_exptl_crystal_grow.pH              6.50 
_exptl_crystal_grow.pdbx_details    'pH 6.50, VAPOR DIFFUSION' 
_exptl_crystal_grow.pdbx_pH_range   ? 
# 
loop_
_exptl_crystal_grow_comp.crystal_id 
_exptl_crystal_grow_comp.id 
_exptl_crystal_grow_comp.sol_id 
_exptl_crystal_grow_comp.name 
_exptl_crystal_grow_comp.volume 
_exptl_crystal_grow_comp.conc 
_exptl_crystal_grow_comp.details 
1 1 1 WATER           ? ? ? 
1 2 1 MPD             ? ? ? 
1 3 1 'NA CACODYLATE' ? ? ? 
1 4 1 '[CO(NH3)6]3+'  ? ? ? 
1 5 3 WATER           ? ? ? 
1 6 3 '[CO(NH3)6]3+'  ? ? ? 
# 
_diffrn.id                     1 
_diffrn.ambient_temp           ? 
_diffrn.ambient_temp_details   'ROOM TEMPERATURE' 
_diffrn.crystal_id             1 
# 
_diffrn_detector.diffrn_id              1 
_diffrn_detector.detector               'IMAGE PLATE' 
_diffrn_detector.type                   'RIGAKU RAXIS IIC' 
_diffrn_detector.pdbx_collection_date   ? 
_diffrn_detector.details                ? 
# 
_diffrn_radiation.diffrn_id                        1 
_diffrn_radiation.wavelength_id                    1 
_diffrn_radiation.pdbx_monochromatic_or_laue_m_l   ? 
_diffrn_radiation.monochromator                    ? 
_diffrn_radiation.pdbx_diffrn_protocol             ? 
_diffrn_radiation.pdbx_scattering_type             x-ray 
# 
_diffrn_radiation_wavelength.id           1 
_diffrn_radiation_wavelength.wavelength   . 
_diffrn_radiation_wavelength.wt           1.0 
# 
_diffrn_source.diffrn_id                   1 
_diffrn_source.source                      'ROTATING ANODE' 
_diffrn_source.type                        ? 
_diffrn_source.pdbx_synchrotron_site       ? 
_diffrn_source.pdbx_synchrotron_beamline   ? 
_diffrn_source.pdbx_wavelength             ? 
_diffrn_source.pdbx_wavelength_list        ? 
# 
_reflns.entry_id                     222D 
_reflns.observed_criterion_sigma_I   ? 
_reflns.observed_criterion_sigma_F   ? 
_reflns.d_resolution_low             ? 
_reflns.d_resolution_high            1.900 
_reflns.number_obs                   1274 
_reflns.number_all                   ? 
_reflns.percent_possible_obs         ? 
_reflns.pdbx_Rmerge_I_obs            ? 
_reflns.pdbx_Rsym_value              ? 
_reflns.pdbx_netI_over_sigmaI        ? 
_reflns.B_iso_Wilson_estimate        ? 
_reflns.pdbx_redundancy              ? 
_reflns.pdbx_diffrn_id               1 
_reflns.pdbx_ordinal                 1 
# 
_refine.entry_id                                 222D 
_refine.ls_number_reflns_obs                     1274 
_refine.ls_number_reflns_all                     ? 
_refine.pdbx_ls_sigma_I                          ? 
_refine.pdbx_ls_sigma_F                          4.000 
_refine.pdbx_data_cutoff_high_absF               ? 
_refine.pdbx_data_cutoff_low_absF                ? 
_refine.pdbx_data_cutoff_high_rms_absF           ? 
_refine.ls_d_res_low                             ? 
_refine.ls_d_res_high                            1.900 
_refine.ls_percent_reflns_obs                    ? 
_refine.ls_R_factor_obs                          0.1820000 
_refine.ls_R_factor_all                          ? 
_refine.ls_R_factor_R_work                       ? 
_refine.ls_R_factor_R_free                       ? 
_refine.ls_R_factor_R_free_error                 ? 
_refine.ls_R_factor_R_free_error_details         ? 
_refine.ls_percent_reflns_R_free                 ? 
_refine.ls_number_reflns_R_free                  ? 
_refine.ls_number_parameters                     ? 
_refine.ls_number_restraints                     ? 
_refine.occupancy_min                            ? 
_refine.occupancy_max                            ? 
_refine.B_iso_mean                               ? 
_refine.aniso_B[1][1]                            ? 
_refine.aniso_B[2][2]                            ? 
_refine.aniso_B[3][3]                            ? 
_refine.aniso_B[1][2]                            ? 
_refine.aniso_B[1][3]                            ? 
_refine.aniso_B[2][3]                            ? 
_refine.solvent_model_details                    ? 
_refine.solvent_model_param_ksol                 ? 
_refine.solvent_model_param_bsol                 ? 
_refine.pdbx_ls_cross_valid_method               ? 
_refine.details                                  ? 
_refine.pdbx_starting_model                      ? 
_refine.pdbx_method_to_determine_struct          ? 
_refine.pdbx_isotropic_thermal_model             ? 
_refine.pdbx_stereochemistry_target_values       ? 
_refine.pdbx_stereochem_target_val_spec_case     ? 
_refine.pdbx_R_Free_selection_details            ? 
_refine.pdbx_overall_ESU_R                       ? 
_refine.pdbx_overall_ESU_R_Free                  ? 
_refine.overall_SU_ML                            ? 
_refine.overall_SU_B                             ? 
_refine.pdbx_refine_id                           'X-RAY DIFFRACTION' 
_refine.pdbx_diffrn_id                           1 
_refine.pdbx_TLS_residual_ADP_flag               ? 
_refine.correlation_coeff_Fo_to_Fc               ? 
_refine.correlation_coeff_Fo_to_Fc_free          ? 
_refine.pdbx_solvent_vdw_probe_radii             ? 
_refine.pdbx_solvent_ion_probe_radii             ? 
_refine.pdbx_solvent_shrinkage_radii             ? 
_refine.pdbx_overall_phase_error                 ? 
_refine.overall_SU_R_Cruickshank_DPI             ? 
_refine.pdbx_overall_SU_R_free_Cruickshank_DPI   ? 
_refine.pdbx_overall_SU_R_Blow_DPI               ? 
_refine.pdbx_overall_SU_R_free_Blow_DPI          ? 
# 
_refine_hist.pdbx_refine_id                   'X-RAY DIFFRACTION' 
_refine_hist.cycle_id                         LAST 
_refine_hist.pdbx_number_atoms_protein        0 
_refine_hist.pdbx_number_atoms_nucleic_acid   408 
_refine_hist.pdbx_number_atoms_ligand         14 
_refine_hist.number_atoms_solvent             72 
_refine_hist.number_atoms_total               494 
_refine_hist.d_res_high                       1.900 
_refine_hist.d_res_low                        . 
# 
loop_
_refine_ls_restr.type 
_refine_ls_restr.dev_ideal 
_refine_ls_restr.dev_ideal_target 
_refine_ls_restr.weight 
_refine_ls_restr.number 
_refine_ls_restr.pdbx_refine_id 
_refine_ls_restr.pdbx_restraint_function 
n_bond_d               0.016 ? ? ? 'X-RAY DIFFRACTION' ? 
n_angle_d              ?     ? ? ? 'X-RAY DIFFRACTION' ? 
n_planar_d             ?     ? ? ? 'X-RAY DIFFRACTION' ? 
n_hb_or_metal_coord    ?     ? ? ? 'X-RAY DIFFRACTION' ? 
n_sugar_bond_it        ?     ? ? ? 'X-RAY DIFFRACTION' ? 
n_sugar_angle_it       ?     ? ? ? 'X-RAY DIFFRACTION' ? 
n_phos_bond_it         ?     ? ? ? 'X-RAY DIFFRACTION' ? 
n_phos_angle_it        ?     ? ? ? 'X-RAY DIFFRACTION' ? 
n_bond_angle_restr     ?     ? ? ? 'X-RAY DIFFRACTION' ? 
n_dihedral_angle_restr ?     ? ? ? 'X-RAY DIFFRACTION' ? 
n_impr_tor             ?     ? ? ? 'X-RAY DIFFRACTION' ? 
n_sugar_bond_d         ?     ? ? ? 'X-RAY DIFFRACTION' ? 
n_sugar_bond_angle_d   ?     ? ? ? 'X-RAY DIFFRACTION' ? 
n_phos_bond_d          ?     ? ? ? 'X-RAY DIFFRACTION' ? 
n_phos_bond_angle_d    ?     ? ? ? 'X-RAY DIFFRACTION' ? 
n_plane_restr          ?     ? ? ? 'X-RAY DIFFRACTION' ? 
n_chiral_restr         ?     ? ? ? 'X-RAY DIFFRACTION' ? 
n_singtor_nbd          ?     ? ? ? 'X-RAY DIFFRACTION' ? 
n_multtor_nbd          ?     ? ? ? 'X-RAY DIFFRACTION' ? 
n_xhyhbond_nbd         ?     ? ? ? 'X-RAY DIFFRACTION' ? 
# 
_struct.entry_id                  222D 
_struct.title                     
'INFLUENCE OF COUNTER-IONS ON THE CRYSTAL STRUCTURES OF DNA DECAMERS: BINDING OF [CO(NH3)6]3+ AND BA2+ TO A-DNA' 
_struct.pdbx_model_details        ? 
_struct.pdbx_CASP_flag            ? 
_struct.pdbx_model_type_details   ? 
# 
_struct_keywords.entry_id        222D 
_struct_keywords.pdbx_keywords   DNA/RNA 
_struct_keywords.text            'A-DNA/RNA, DOUBLE HELIX, DNA-RNA complex' 
# 
loop_
_struct_asym.id 
_struct_asym.pdbx_blank_PDB_chainid_flag 
_struct_asym.pdbx_modified 
_struct_asym.entity_id 
_struct_asym.details 
A N N 1 ? 
B N N 1 ? 
C N N 2 ? 
D N N 2 ? 
E N N 3 ? 
F N N 3 ? 
# 
_struct_ref.id                         1 
_struct_ref.entity_id                  1 
_struct_ref.db_name                    PDB 
_struct_ref.db_code                    222D 
_struct_ref.pdbx_db_accession          222D 
_struct_ref.pdbx_db_isoform            ? 
_struct_ref.pdbx_seq_one_letter_code   ? 
_struct_ref.pdbx_align_begin           ? 
# 
loop_
_struct_ref_seq.align_id 
_struct_ref_seq.ref_id 
_struct_ref_seq.pdbx_PDB_id_code 
_struct_ref_seq.pdbx_strand_id 
_struct_ref_seq.seq_align_beg 
_struct_ref_seq.pdbx_seq_align_beg_ins_code 
_struct_ref_seq.seq_align_end 
_struct_ref_seq.pdbx_seq_align_end_ins_code 
_struct_ref_seq.pdbx_db_accession 
_struct_ref_seq.db_align_beg 
_struct_ref_seq.pdbx_db_align_beg_ins_code 
_struct_ref_seq.db_align_end 
_struct_ref_seq.pdbx_db_align_end_ins_code 
_struct_ref_seq.pdbx_auth_seq_align_beg 
_struct_ref_seq.pdbx_auth_seq_align_end 
1 1 222D A 1 ? 10 ? 222D 1  ? 10 ? 1  10 
2 1 222D B 1 ? 10 ? 222D 11 ? 20 ? 11 20 
# 
_pdbx_struct_assembly.id                   1 
_pdbx_struct_assembly.details              author_defined_assembly 
_pdbx_struct_assembly.method_details       ? 
_pdbx_struct_assembly.oligomeric_details   dimeric 
_pdbx_struct_assembly.oligomeric_count     2 
# 
_pdbx_struct_assembly_gen.assembly_id       1 
_pdbx_struct_assembly_gen.oper_expression   1 
_pdbx_struct_assembly_gen.asym_id_list      A,B,C,D,E,F 
# 
_pdbx_struct_oper_list.id                   1 
_pdbx_struct_oper_list.type                 'identity operation' 
_pdbx_struct_oper_list.name                 1_555 
_pdbx_struct_oper_list.symmetry_operation   x,y,z 
_pdbx_struct_oper_list.matrix[1][1]         1.0000000000 
_pdbx_struct_oper_list.matrix[1][2]         0.0000000000 
_pdbx_struct_oper_list.matrix[1][3]         0.0000000000 
_pdbx_struct_oper_list.vector[1]            0.0000000000 
_pdbx_struct_oper_list.matrix[2][1]         0.0000000000 
_pdbx_struct_oper_list.matrix[2][2]         1.0000000000 
_pdbx_struct_oper_list.matrix[2][3]         0.0000000000 
_pdbx_struct_oper_list.vector[2]            0.0000000000 
_pdbx_struct_oper_list.matrix[3][1]         0.0000000000 
_pdbx_struct_oper_list.matrix[3][2]         0.0000000000 
_pdbx_struct_oper_list.matrix[3][3]         1.0000000000 
_pdbx_struct_oper_list.vector[3]            0.0000000000 
# 
_struct_biol.id   1 
# 
loop_
_struct_conn.id 
_struct_conn.conn_type_id 
_struct_conn.pdbx_leaving_atom_flag 
_struct_conn.pdbx_PDB_id 
_struct_conn.ptnr1_label_asym_id 
_struct_conn.ptnr1_label_comp_id 
_struct_conn.ptnr1_label_seq_id 
_struct_conn.ptnr1_label_atom_id 
_struct_conn.pdbx_ptnr1_label_alt_id 
_struct_conn.pdbx_ptnr1_PDB_ins_code 
_struct_conn.pdbx_ptnr1_standard_comp_id 
_struct_conn.ptnr1_symmetry 
_struct_conn.ptnr2_label_asym_id 
_struct_conn.ptnr2_label_comp_id 
_struct_conn.ptnr2_label_seq_id 
_struct_conn.ptnr2_label_atom_id 
_struct_conn.pdbx_ptnr2_label_alt_id 
_struct_conn.pdbx_ptnr2_PDB_ins_code 
_struct_conn.ptnr1_auth_asym_id 
_struct_conn.ptnr1_auth_comp_id 
_struct_conn.ptnr1_auth_seq_id 
_struct_conn.ptnr2_auth_asym_id 
_struct_conn.ptnr2_auth_comp_id 
_struct_conn.ptnr2_auth_seq_id 
_struct_conn.ptnr2_symmetry 
_struct_conn.pdbx_ptnr3_label_atom_id 
_struct_conn.pdbx_ptnr3_label_seq_id 
_struct_conn.pdbx_ptnr3_label_comp_id 
_struct_conn.pdbx_ptnr3_label_asym_id 
_struct_conn.pdbx_ptnr3_label_alt_id 
_struct_conn.pdbx_ptnr3_PDB_ins_code 
_struct_conn.details 
_struct_conn.pdbx_dist_value 
_struct_conn.pdbx_value_order 
_struct_conn.pdbx_role 
hydrog1  hydrog ? ? A G  1  N1 ? ? ? 1_555 B DC 10 N3 ? ? A G  1  B DC 20 1_555 ? ? ? ? ? ? WATSON-CRICK ? ? ? 
hydrog2  hydrog ? ? A G  1  N2 ? ? ? 1_555 B DC 10 O2 ? ? A G  1  B DC 20 1_555 ? ? ? ? ? ? WATSON-CRICK ? ? ? 
hydrog3  hydrog ? ? A G  1  O6 ? ? ? 1_555 B DC 10 N4 ? ? A G  1  B DC 20 1_555 ? ? ? ? ? ? WATSON-CRICK ? ? ? 
hydrog4  hydrog ? ? A C  2  N3 ? ? ? 1_555 B DG 9  N1 ? ? A C  2  B DG 19 1_555 ? ? ? ? ? ? WATSON-CRICK ? ? ? 
hydrog5  hydrog ? ? A C  2  N4 ? ? ? 1_555 B DG 9  O6 ? ? A C  2  B DG 19 1_555 ? ? ? ? ? ? WATSON-CRICK ? ? ? 
hydrog6  hydrog ? ? A C  2  O2 ? ? ? 1_555 B DG 9  N2 ? ? A C  2  B DG 19 1_555 ? ? ? ? ? ? WATSON-CRICK ? ? ? 
hydrog7  hydrog ? ? A DG 3  N1 ? ? ? 1_555 B DC 8  N3 ? ? A DG 3  B DC 18 1_555 ? ? ? ? ? ? WATSON-CRICK ? ? ? 
hydrog8  hydrog ? ? A DG 3  N2 ? ? ? 1_555 B DC 8  O2 ? ? A DG 3  B DC 18 1_555 ? ? ? ? ? ? WATSON-CRICK ? ? ? 
hydrog9  hydrog ? ? A DG 3  O6 ? ? ? 1_555 B DC 8  N4 ? ? A DG 3  B DC 18 1_555 ? ? ? ? ? ? WATSON-CRICK ? ? ? 
hydrog10 hydrog ? ? A DT 4  N3 ? ? ? 1_555 B DA 7  N1 ? ? A DT 4  B DA 17 1_555 ? ? ? ? ? ? WATSON-CRICK ? ? ? 
hydrog11 hydrog ? ? A DT 4  O4 ? ? ? 1_555 B DA 7  N6 ? ? A DT 4  B DA 17 1_555 ? ? ? ? ? ? WATSON-CRICK ? ? ? 
hydrog12 hydrog ? ? A DA 5  N1 ? ? ? 1_555 B DT 6  N3 ? ? A DA 5  B DT 16 1_555 ? ? ? ? ? ? WATSON-CRICK ? ? ? 
hydrog13 hydrog ? ? A DA 5  N6 ? ? ? 1_555 B DT 6  O4 ? ? A DA 5  B DT 16 1_555 ? ? ? ? ? ? WATSON-CRICK ? ? ? 
hydrog14 hydrog ? ? A DT 6  N3 ? ? ? 1_555 B DA 5  N1 ? ? A DT 6  B DA 15 1_555 ? ? ? ? ? ? WATSON-CRICK ? ? ? 
hydrog15 hydrog ? ? A DT 6  O4 ? ? ? 1_555 B DA 5  N6 ? ? A DT 6  B DA 15 1_555 ? ? ? ? ? ? WATSON-CRICK ? ? ? 
hydrog16 hydrog ? ? A DA 7  N1 ? ? ? 1_555 B DT 4  N3 ? ? A DA 7  B DT 14 1_555 ? ? ? ? ? ? WATSON-CRICK ? ? ? 
hydrog17 hydrog ? ? A DA 7  N6 ? ? ? 1_555 B DT 4  O4 ? ? A DA 7  B DT 14 1_555 ? ? ? ? ? ? WATSON-CRICK ? ? ? 
hydrog18 hydrog ? ? A DC 8  N3 ? ? ? 1_555 B DG 3  N1 ? ? A DC 8  B DG 13 1_555 ? ? ? ? ? ? WATSON-CRICK ? ? ? 
hydrog19 hydrog ? ? A DC 8  N4 ? ? ? 1_555 B DG 3  O6 ? ? A DC 8  B DG 13 1_555 ? ? ? ? ? ? WATSON-CRICK ? ? ? 
hydrog20 hydrog ? ? A DC 8  O2 ? ? ? 1_555 B DG 3  N2 ? ? A DC 8  B DG 13 1_555 ? ? ? ? ? ? WATSON-CRICK ? ? ? 
hydrog21 hydrog ? ? A DG 9  N1 ? ? ? 1_555 B C  2  N3 ? ? A DG 9  B C  12 1_555 ? ? ? ? ? ? WATSON-CRICK ? ? ? 
hydrog22 hydrog ? ? A DG 9  N2 ? ? ? 1_555 B C  2  O2 ? ? A DG 9  B C  12 1_555 ? ? ? ? ? ? WATSON-CRICK ? ? ? 
hydrog23 hydrog ? ? A DG 9  O6 ? ? ? 1_555 B C  2  N4 ? ? A DG 9  B C  12 1_555 ? ? ? ? ? ? WATSON-CRICK ? ? ? 
hydrog24 hydrog ? ? A DC 10 N3 ? ? ? 1_555 B G  1  N1 ? ? A DC 10 B G  11 1_555 ? ? ? ? ? ? WATSON-CRICK ? ? ? 
hydrog25 hydrog ? ? A DC 10 N4 ? ? ? 1_555 B G  1  O6 ? ? A DC 10 B G  11 1_555 ? ? ? ? ? ? WATSON-CRICK ? ? ? 
hydrog26 hydrog ? ? A DC 10 O2 ? ? ? 1_555 B G  1  N2 ? ? A DC 10 B G  11 1_555 ? ? ? ? ? ? WATSON-CRICK ? ? ? 
# 
_struct_conn_type.id          hydrog 
_struct_conn_type.criteria    ? 
_struct_conn_type.reference   ? 
# 
loop_
_struct_site.id 
_struct_site.pdbx_evidence_code 
_struct_site.pdbx_auth_asym_id 
_struct_site.pdbx_auth_comp_id 
_struct_site.pdbx_auth_seq_id 
_struct_site.pdbx_auth_ins_code 
_struct_site.pdbx_num_residues 
_struct_site.details 
AC1 Software B NCO 21 ? 3 'BINDING SITE FOR RESIDUE NCO B 21' 
AC2 Software A NCO 22 ? 7 'BINDING SITE FOR RESIDUE NCO A 22' 
# 
loop_
_struct_site_gen.id 
_struct_site_gen.site_id 
_struct_site_gen.pdbx_num_res 
_struct_site_gen.label_comp_id 
_struct_site_gen.label_asym_id 
_struct_site_gen.label_seq_id 
_struct_site_gen.pdbx_auth_ins_code 
_struct_site_gen.auth_comp_id 
_struct_site_gen.auth_asym_id 
_struct_site_gen.auth_seq_id 
_struct_site_gen.label_atom_id 
_struct_site_gen.label_alt_id 
_struct_site_gen.symmetry 
_struct_site_gen.details 
1  AC1 3 DT  B 4 ? DT  B 14 . ? 1_655 ? 
2  AC1 3 DA  B 5 ? DA  B 15 . ? 1_655 ? 
3  AC1 3 DG  B 9 ? DG  B 19 . ? 2_554 ? 
4  AC2 7 DA  A 5 ? DA  A 5  . ? 3_645 ? 
5  AC2 7 DG  A 9 ? DG  A 9  . ? 1_555 ? 
6  AC2 7 HOH E . ? HOH A 43 . ? 1_555 ? 
7  AC2 7 HOH E . ? HOH A 73 . ? 1_545 ? 
8  AC2 7 HOH E . ? HOH A 82 . ? 1_555 ? 
9  AC2 7 DT  B 4 ? DT  B 14 . ? 4_545 ? 
10 AC2 7 DG  B 9 ? DG  B 19 . ? 3_545 ? 
# 
_pdbx_validate_symm_contact.id                1 
_pdbx_validate_symm_contact.PDB_model_num     1 
_pdbx_validate_symm_contact.auth_atom_id_1    N4 
_pdbx_validate_symm_contact.auth_asym_id_1    A 
_pdbx_validate_symm_contact.auth_comp_id_1    NCO 
_pdbx_validate_symm_contact.auth_seq_id_1     22 
_pdbx_validate_symm_contact.PDB_ins_code_1    ? 
_pdbx_validate_symm_contact.label_alt_id_1    ? 
_pdbx_validate_symm_contact.site_symmetry_1   1_555 
_pdbx_validate_symm_contact.auth_atom_id_2    O 
_pdbx_validate_symm_contact.auth_asym_id_2    A 
_pdbx_validate_symm_contact.auth_comp_id_2    HOH 
_pdbx_validate_symm_contact.auth_seq_id_2     73 
_pdbx_validate_symm_contact.PDB_ins_code_2    ? 
_pdbx_validate_symm_contact.label_alt_id_2    ? 
_pdbx_validate_symm_contact.site_symmetry_2   1_545 
_pdbx_validate_symm_contact.dist              2.13 
# 
loop_
_pdbx_validate_rmsd_bond.id 
_pdbx_validate_rmsd_bond.PDB_model_num 
_pdbx_validate_rmsd_bond.auth_atom_id_1 
_pdbx_validate_rmsd_bond.auth_asym_id_1 
_pdbx_validate_rmsd_bond.auth_comp_id_1 
_pdbx_validate_rmsd_bond.auth_seq_id_1 
_pdbx_validate_rmsd_bond.PDB_ins_code_1 
_pdbx_validate_rmsd_bond.label_alt_id_1 
_pdbx_validate_rmsd_bond.auth_atom_id_2 
_pdbx_validate_rmsd_bond.auth_asym_id_2 
_pdbx_validate_rmsd_bond.auth_comp_id_2 
_pdbx_validate_rmsd_bond.auth_seq_id_2 
_pdbx_validate_rmsd_bond.PDB_ins_code_2 
_pdbx_validate_rmsd_bond.label_alt_id_2 
_pdbx_validate_rmsd_bond.bond_value 
_pdbx_validate_rmsd_bond.bond_target_value 
_pdbx_validate_rmsd_bond.bond_deviation 
_pdbx_validate_rmsd_bond.bond_standard_deviation 
_pdbx_validate_rmsd_bond.linker_flag 
1 1 C6    A DT 6  ? ? N1    A DT 6  ? ? 1.334 1.378 -0.044 0.007 N 
2 1 "O3'" A DC 8  ? ? P     A DG 9  ? ? 1.533 1.607 -0.074 0.012 Y 
3 1 P     A DC 10 ? ? "O5'" A DC 10 ? ? 1.672 1.593 0.079  0.010 N 
4 1 "O3'" B DG 13 ? ? P     B DT 14 ? ? 1.531 1.607 -0.076 0.012 Y 
5 1 C4    B DT 14 ? ? O4    B DT 14 ? ? 1.294 1.228 0.066  0.009 N 
# 
loop_
_pdbx_validate_rmsd_angle.id 
_pdbx_validate_rmsd_angle.PDB_model_num 
_pdbx_validate_rmsd_angle.auth_atom_id_1 
_pdbx_validate_rmsd_angle.auth_asym_id_1 
_pdbx_validate_rmsd_angle.auth_comp_id_1 
_pdbx_validate_rmsd_angle.auth_seq_id_1 
_pdbx_validate_rmsd_angle.PDB_ins_code_1 
_pdbx_validate_rmsd_angle.label_alt_id_1 
_pdbx_validate_rmsd_angle.auth_atom_id_2 
_pdbx_validate_rmsd_angle.auth_asym_id_2 
_pdbx_validate_rmsd_angle.auth_comp_id_2 
_pdbx_validate_rmsd_angle.auth_seq_id_2 
_pdbx_validate_rmsd_angle.PDB_ins_code_2 
_pdbx_validate_rmsd_angle.label_alt_id_2 
_pdbx_validate_rmsd_angle.auth_atom_id_3 
_pdbx_validate_rmsd_angle.auth_asym_id_3 
_pdbx_validate_rmsd_angle.auth_comp_id_3 
_pdbx_validate_rmsd_angle.auth_seq_id_3 
_pdbx_validate_rmsd_angle.PDB_ins_code_3 
_pdbx_validate_rmsd_angle.label_alt_id_3 
_pdbx_validate_rmsd_angle.angle_value 
_pdbx_validate_rmsd_angle.angle_target_value 
_pdbx_validate_rmsd_angle.angle_deviation 
_pdbx_validate_rmsd_angle.angle_standard_deviation 
_pdbx_validate_rmsd_angle.linker_flag 
1  1 "C3'" A G  1  ? ? "C2'" A G  1  ? ? "C1'" A G  1  ? ? 97.07  101.30 -4.23  0.70 N 
2  1 N1    A G  1  ? ? C6    A G  1  ? ? O6    A G  1  ? ? 124.23 119.90 4.33   0.60 N 
3  1 C5    A G  1  ? ? C6    A G  1  ? ? O6    A G  1  ? ? 121.86 128.60 -6.74  0.60 N 
4  1 "C3'" A G  1  ? ? "O3'" A G  1  ? ? P     A C  2  ? ? 131.22 119.70 11.52  1.20 Y 
5  1 OP1   A C  2  ? ? P     A C  2  ? ? OP2   A C  2  ? ? 109.22 119.60 -10.38 1.50 N 
6  1 "O5'" A C  2  ? ? P     A C  2  ? ? OP2   A C  2  ? ? 120.77 110.70 10.07  1.20 N 
7  1 "O4'" A C  2  ? ? "C1'" A C  2  ? ? N1    A C  2  ? ? 113.27 108.50 4.77   0.70 N 
8  1 "O5'" A DT 4  ? ? P     A DT 4  ? ? OP2   A DT 4  ? ? 121.21 110.70 10.51  1.20 N 
9  1 C2    A DT 4  ? ? N3    A DT 4  ? ? C4    A DT 4  ? ? 123.43 127.20 -3.77  0.60 N 
10 1 N3    A DT 4  ? ? C4    A DT 4  ? ? C5    A DT 4  ? ? 118.82 115.20 3.62   0.60 N 
11 1 N3    A DT 4  ? ? C4    A DT 4  ? ? O4    A DT 4  ? ? 114.20 119.90 -5.70  0.60 N 
12 1 OP1   A DA 5  ? ? P     A DA 5  ? ? OP2   A DA 5  ? ? 109.33 119.60 -10.27 1.50 N 
13 1 "O5'" A DA 5  ? ? "C5'" A DA 5  ? ? "C4'" A DA 5  ? ? 102.45 109.40 -6.95  0.80 N 
14 1 "O4'" A DA 5  ? ? "C1'" A DA 5  ? ? N9    A DA 5  ? ? 103.63 108.00 -4.37  0.70 N 
15 1 C6    A DA 5  ? ? N1    A DA 5  ? ? C2    A DA 5  ? ? 122.38 118.60 3.78   0.60 N 
16 1 N1    A DA 5  ? ? C2    A DA 5  ? ? N3    A DA 5  ? ? 125.09 129.30 -4.21  0.50 N 
17 1 "O5'" A DT 6  ? ? "C5'" A DT 6  ? ? "C4'" A DT 6  ? ? 103.03 109.40 -6.37  0.80 N 
18 1 "O4'" A DT 6  ? ? "C1'" A DT 6  ? ? N1    A DT 6  ? ? 111.50 108.30 3.20   0.30 N 
19 1 N3    A DT 6  ? ? C4    A DT 6  ? ? O4    A DT 6  ? ? 113.87 119.90 -6.03  0.60 N 
20 1 C4    A DT 6  ? ? C5    A DT 6  ? ? C7    A DT 6  ? ? 123.13 119.00 4.13   0.60 N 
21 1 "C3'" A DT 6  ? ? "O3'" A DT 6  ? ? P     A DA 7  ? ? 145.88 119.70 26.18  1.20 Y 
22 1 "O4'" A DA 7  ? ? "C1'" A DA 7  ? ? N9    A DA 7  ? ? 111.99 108.30 3.69   0.30 N 
23 1 C6    A DA 7  ? ? N1    A DA 7  ? ? C2    A DA 7  ? ? 122.52 118.60 3.92   0.60 N 
24 1 C5    A DA 7  ? ? C6    A DA 7  ? ? N1    A DA 7  ? ? 114.48 117.70 -3.22  0.50 N 
25 1 N1    A DA 7  ? ? C6    A DA 7  ? ? N6    A DA 7  ? ? 122.67 118.60 4.07   0.60 N 
26 1 C2    A DC 8  ? ? N3    A DC 8  ? ? C4    A DC 8  ? ? 125.22 119.90 5.32   0.50 N 
27 1 N3    A DC 8  ? ? C4    A DC 8  ? ? C5    A DC 8  ? ? 119.38 121.90 -2.52  0.40 N 
28 1 N3    A DC 8  ? ? C2    A DC 8  ? ? O2    A DC 8  ? ? 127.56 121.90 5.66   0.70 N 
29 1 "C4'" A DG 9  ? ? "C3'" A DG 9  ? ? "C2'" A DG 9  ? ? 97.34  102.20 -4.86  0.70 N 
30 1 N3    A DG 9  ? ? C2    A DG 9  ? ? N2    A DG 9  ? ? 114.79 119.90 -5.11  0.70 N 
31 1 C5    A DG 9  ? ? C6    A DG 9  ? ? O6    A DG 9  ? ? 124.36 128.60 -4.24  0.60 N 
32 1 "O3'" A DG 9  ? ? P     A DC 10 ? ? OP1   A DC 10 ? ? 125.67 110.50 15.17  1.10 Y 
33 1 "O5'" A DC 10 ? ? P     A DC 10 ? ? OP1   A DC 10 ? ? 94.91  105.70 -10.79 0.90 N 
34 1 "O4'" A DC 10 ? ? "C1'" A DC 10 ? ? N1    A DC 10 ? ? 111.86 108.30 3.56   0.30 N 
35 1 C2    A DC 10 ? ? N3    A DC 10 ? ? C4    A DC 10 ? ? 123.50 119.90 3.60   0.50 N 
36 1 C5    B G  11 ? ? C6    B G  11 ? ? O6    B G  11 ? ? 124.84 128.60 -3.76  0.60 N 
37 1 "O5'" B C  12 ? ? P     B C  12 ? ? OP1   B C  12 ? ? 99.29  105.70 -6.41  0.90 N 
38 1 P     B C  12 ? ? "O5'" B C  12 ? ? "C5'" B C  12 ? ? 134.58 120.90 13.68  1.60 N 
39 1 "O4'" B C  12 ? ? "C1'" B C  12 ? ? N1    B C  12 ? ? 116.67 108.50 8.17   0.70 N 
40 1 C6    B C  12 ? ? N1    B C  12 ? ? C2    B C  12 ? ? 117.37 120.30 -2.93  0.40 N 
41 1 C2    B C  12 ? ? N3    B C  12 ? ? C4    B C  12 ? ? 124.30 119.90 4.40   0.50 N 
42 1 N3    B C  12 ? ? C4    B C  12 ? ? C5    B C  12 ? ? 117.98 121.90 -3.92  0.40 N 
43 1 C5    B C  12 ? ? C6    B C  12 ? ? N1    B C  12 ? ? 124.90 121.00 3.90   0.50 N 
44 1 "O3'" B C  12 ? ? P     B DG 13 ? ? OP2   B DG 13 ? ? 118.47 110.50 7.97   1.10 Y 
45 1 "O5'" B DG 13 ? ? P     B DG 13 ? ? OP1   B DG 13 ? ? 98.23  105.70 -7.47  0.90 N 
46 1 "O5'" B DG 13 ? ? "C5'" B DG 13 ? ? "C4'" B DG 13 ? ? 102.42 109.40 -6.98  0.80 N 
47 1 "C3'" B DG 13 ? ? "O3'" B DG 13 ? ? P     B DT 14 ? ? 127.44 119.70 7.74   1.20 Y 
48 1 "O3'" B DG 13 ? ? P     B DT 14 ? ? OP1   B DT 14 ? ? 118.88 110.50 8.38   1.10 Y 
49 1 "C3'" B DT 14 ? ? "O3'" B DT 14 ? ? P     B DA 15 ? ? 128.57 119.70 8.87   1.20 Y 
50 1 "O4'" B DA 15 ? ? "C1'" B DA 15 ? ? N9    B DA 15 ? ? 110.15 108.30 1.85   0.30 N 
51 1 C6    B DA 15 ? ? N1    B DA 15 ? ? C2    B DA 15 ? ? 123.92 118.60 5.32   0.60 N 
52 1 N1    B DA 15 ? ? C2    B DA 15 ? ? N3    B DA 15 ? ? 126.29 129.30 -3.01  0.50 N 
53 1 C5    B DA 15 ? ? C6    B DA 15 ? ? N1    B DA 15 ? ? 113.42 117.70 -4.28  0.50 N 
54 1 N1    B DA 15 ? ? C6    B DA 15 ? ? N6    B DA 15 ? ? 123.32 118.60 4.72   0.60 N 
55 1 "O5'" B DT 16 ? ? P     B DT 16 ? ? OP2   B DT 16 ? ? 119.84 110.70 9.14   1.20 N 
56 1 "C4'" B DT 16 ? ? "C3'" B DT 16 ? ? "C2'" B DT 16 ? ? 97.97  102.20 -4.23  0.70 N 
57 1 "O4'" B DT 16 ? ? "C1'" B DT 16 ? ? N1    B DT 16 ? ? 113.60 108.30 5.30   0.30 N 
58 1 C2    B DT 16 ? ? N3    B DT 16 ? ? C4    B DT 16 ? ? 123.02 127.20 -4.18  0.60 N 
59 1 N3    B DT 16 ? ? C4    B DT 16 ? ? C5    B DT 16 ? ? 119.50 115.20 4.30   0.60 N 
60 1 "C3'" B DT 16 ? ? "O3'" B DT 16 ? ? P     B DA 17 ? ? 127.34 119.70 7.64   1.20 Y 
61 1 OP1   B DA 17 ? ? P     B DA 17 ? ? OP2   B DA 17 ? ? 101.27 119.60 -18.33 1.50 N 
62 1 "O5'" B DA 17 ? ? P     B DA 17 ? ? OP1   B DA 17 ? ? 122.71 110.70 12.01  1.20 N 
63 1 C6    B DA 17 ? ? N1    B DA 17 ? ? C2    B DA 17 ? ? 123.46 118.60 4.86   0.60 N 
64 1 N1    B DA 17 ? ? C2    B DA 17 ? ? N3    B DA 17 ? ? 126.23 129.30 -3.07  0.50 N 
65 1 C5    B DA 17 ? ? C6    B DA 17 ? ? N1    B DA 17 ? ? 112.86 117.70 -4.84  0.50 N 
66 1 "C3'" B DA 17 ? ? "O3'" B DA 17 ? ? P     B DC 18 ? ? 130.64 119.70 10.94  1.20 Y 
67 1 P     B DC 18 ? ? "O5'" B DC 18 ? ? "C5'" B DC 18 ? ? 131.88 120.90 10.98  1.60 N 
68 1 "C1'" B DC 18 ? ? "O4'" B DC 18 ? ? "C4'" B DC 18 ? ? 103.99 110.10 -6.11  1.00 N 
69 1 "O4'" B DC 18 ? ? "C1'" B DC 18 ? ? N1    B DC 18 ? ? 110.13 108.30 1.83   0.30 N 
70 1 "O3'" B DC 18 ? ? P     B DG 19 ? ? OP2   B DG 19 ? ? 118.98 110.50 8.48   1.10 Y 
71 1 N3    B DG 19 ? ? C2    B DG 19 ? ? N2    B DG 19 ? ? 115.38 119.90 -4.52  0.70 N 
72 1 C2    B DC 20 ? ? N3    B DC 20 ? ? C4    B DC 20 ? ? 123.90 119.90 4.00   0.50 N 
73 1 N1    B DC 20 ? ? C2    B DC 20 ? ? O2    B DC 20 ? ? 123.55 118.90 4.65   0.60 N 
74 1 C5    B DC 20 ? ? C4    B DC 20 ? ? N4    B DC 20 ? ? 125.65 120.20 5.45   0.70 N 
# 
loop_
_chem_comp_atom.comp_id 
_chem_comp_atom.atom_id 
_chem_comp_atom.type_symbol 
_chem_comp_atom.pdbx_aromatic_flag 
_chem_comp_atom.pdbx_stereo_config 
_chem_comp_atom.pdbx_ordinal 
C   OP3    O  N N 1   
C   P      P  N N 2   
C   OP1    O  N N 3   
C   OP2    O  N N 4   
C   "O5'"  O  N N 5   
C   "C5'"  C  N N 6   
C   "C4'"  C  N R 7   
C   "O4'"  O  N N 8   
C   "C3'"  C  N S 9   
C   "O3'"  O  N N 10  
C   "C2'"  C  N R 11  
C   "O2'"  O  N N 12  
C   "C1'"  C  N R 13  
C   N1     N  N N 14  
C   C2     C  N N 15  
C   O2     O  N N 16  
C   N3     N  N N 17  
C   C4     C  N N 18  
C   N4     N  N N 19  
C   C5     C  N N 20  
C   C6     C  N N 21  
C   HOP3   H  N N 22  
C   HOP2   H  N N 23  
C   "H5'"  H  N N 24  
C   "H5''" H  N N 25  
C   "H4'"  H  N N 26  
C   "H3'"  H  N N 27  
C   "HO3'" H  N N 28  
C   "H2'"  H  N N 29  
C   "HO2'" H  N N 30  
C   "H1'"  H  N N 31  
C   H41    H  N N 32  
C   H42    H  N N 33  
C   H5     H  N N 34  
C   H6     H  N N 35  
DA  OP3    O  N N 36  
DA  P      P  N N 37  
DA  OP1    O  N N 38  
DA  OP2    O  N N 39  
DA  "O5'"  O  N N 40  
DA  "C5'"  C  N N 41  
DA  "C4'"  C  N R 42  
DA  "O4'"  O  N N 43  
DA  "C3'"  C  N S 44  
DA  "O3'"  O  N N 45  
DA  "C2'"  C  N N 46  
DA  "C1'"  C  N R 47  
DA  N9     N  Y N 48  
DA  C8     C  Y N 49  
DA  N7     N  Y N 50  
DA  C5     C  Y N 51  
DA  C6     C  Y N 52  
DA  N6     N  N N 53  
DA  N1     N  Y N 54  
DA  C2     C  Y N 55  
DA  N3     N  Y N 56  
DA  C4     C  Y N 57  
DA  HOP3   H  N N 58  
DA  HOP2   H  N N 59  
DA  "H5'"  H  N N 60  
DA  "H5''" H  N N 61  
DA  "H4'"  H  N N 62  
DA  "H3'"  H  N N 63  
DA  "HO3'" H  N N 64  
DA  "H2'"  H  N N 65  
DA  "H2''" H  N N 66  
DA  "H1'"  H  N N 67  
DA  H8     H  N N 68  
DA  H61    H  N N 69  
DA  H62    H  N N 70  
DA  H2     H  N N 71  
DC  OP3    O  N N 72  
DC  P      P  N N 73  
DC  OP1    O  N N 74  
DC  OP2    O  N N 75  
DC  "O5'"  O  N N 76  
DC  "C5'"  C  N N 77  
DC  "C4'"  C  N R 78  
DC  "O4'"  O  N N 79  
DC  "C3'"  C  N S 80  
DC  "O3'"  O  N N 81  
DC  "C2'"  C  N N 82  
DC  "C1'"  C  N R 83  
DC  N1     N  N N 84  
DC  C2     C  N N 85  
DC  O2     O  N N 86  
DC  N3     N  N N 87  
DC  C4     C  N N 88  
DC  N4     N  N N 89  
DC  C5     C  N N 90  
DC  C6     C  N N 91  
DC  HOP3   H  N N 92  
DC  HOP2   H  N N 93  
DC  "H5'"  H  N N 94  
DC  "H5''" H  N N 95  
DC  "H4'"  H  N N 96  
DC  "H3'"  H  N N 97  
DC  "HO3'" H  N N 98  
DC  "H2'"  H  N N 99  
DC  "H2''" H  N N 100 
DC  "H1'"  H  N N 101 
DC  H41    H  N N 102 
DC  H42    H  N N 103 
DC  H5     H  N N 104 
DC  H6     H  N N 105 
DG  OP3    O  N N 106 
DG  P      P  N N 107 
DG  OP1    O  N N 108 
DG  OP2    O  N N 109 
DG  "O5'"  O  N N 110 
DG  "C5'"  C  N N 111 
DG  "C4'"  C  N R 112 
DG  "O4'"  O  N N 113 
DG  "C3'"  C  N S 114 
DG  "O3'"  O  N N 115 
DG  "C2'"  C  N N 116 
DG  "C1'"  C  N R 117 
DG  N9     N  Y N 118 
DG  C8     C  Y N 119 
DG  N7     N  Y N 120 
DG  C5     C  Y N 121 
DG  C6     C  N N 122 
DG  O6     O  N N 123 
DG  N1     N  N N 124 
DG  C2     C  N N 125 
DG  N2     N  N N 126 
DG  N3     N  N N 127 
DG  C4     C  Y N 128 
DG  HOP3   H  N N 129 
DG  HOP2   H  N N 130 
DG  "H5'"  H  N N 131 
DG  "H5''" H  N N 132 
DG  "H4'"  H  N N 133 
DG  "H3'"  H  N N 134 
DG  "HO3'" H  N N 135 
DG  "H2'"  H  N N 136 
DG  "H2''" H  N N 137 
DG  "H1'"  H  N N 138 
DG  H8     H  N N 139 
DG  H1     H  N N 140 
DG  H21    H  N N 141 
DG  H22    H  N N 142 
DT  OP3    O  N N 143 
DT  P      P  N N 144 
DT  OP1    O  N N 145 
DT  OP2    O  N N 146 
DT  "O5'"  O  N N 147 
DT  "C5'"  C  N N 148 
DT  "C4'"  C  N R 149 
DT  "O4'"  O  N N 150 
DT  "C3'"  C  N S 151 
DT  "O3'"  O  N N 152 
DT  "C2'"  C  N N 153 
DT  "C1'"  C  N R 154 
DT  N1     N  N N 155 
DT  C2     C  N N 156 
DT  O2     O  N N 157 
DT  N3     N  N N 158 
DT  C4     C  N N 159 
DT  O4     O  N N 160 
DT  C5     C  N N 161 
DT  C7     C  N N 162 
DT  C6     C  N N 163 
DT  HOP3   H  N N 164 
DT  HOP2   H  N N 165 
DT  "H5'"  H  N N 166 
DT  "H5''" H  N N 167 
DT  "H4'"  H  N N 168 
DT  "H3'"  H  N N 169 
DT  "HO3'" H  N N 170 
DT  "H2'"  H  N N 171 
DT  "H2''" H  N N 172 
DT  "H1'"  H  N N 173 
DT  H3     H  N N 174 
DT  H71    H  N N 175 
DT  H72    H  N N 176 
DT  H73    H  N N 177 
DT  H6     H  N N 178 
G   OP3    O  N N 179 
G   P      P  N N 180 
G   OP1    O  N N 181 
G   OP2    O  N N 182 
G   "O5'"  O  N N 183 
G   "C5'"  C  N N 184 
G   "C4'"  C  N R 185 
G   "O4'"  O  N N 186 
G   "C3'"  C  N S 187 
G   "O3'"  O  N N 188 
G   "C2'"  C  N R 189 
G   "O2'"  O  N N 190 
G   "C1'"  C  N R 191 
G   N9     N  Y N 192 
G   C8     C  Y N 193 
G   N7     N  Y N 194 
G   C5     C  Y N 195 
G   C6     C  N N 196 
G   O6     O  N N 197 
G   N1     N  N N 198 
G   C2     C  N N 199 
G   N2     N  N N 200 
G   N3     N  N N 201 
G   C4     C  Y N 202 
G   HOP3   H  N N 203 
G   HOP2   H  N N 204 
G   "H5'"  H  N N 205 
G   "H5''" H  N N 206 
G   "H4'"  H  N N 207 
G   "H3'"  H  N N 208 
G   "HO3'" H  N N 209 
G   "H2'"  H  N N 210 
G   "HO2'" H  N N 211 
G   "H1'"  H  N N 212 
G   H8     H  N N 213 
G   H1     H  N N 214 
G   H21    H  N N 215 
G   H22    H  N N 216 
HOH O      O  N N 217 
HOH H1     H  N N 218 
HOH H2     H  N N 219 
NCO CO     CO N N 220 
NCO N1     N  N N 221 
NCO N2     N  N N 222 
NCO N3     N  N N 223 
NCO N4     N  N N 224 
NCO N5     N  N N 225 
NCO N6     N  N N 226 
NCO HN11   H  N N 227 
NCO HN12   H  N N 228 
NCO HN13   H  N N 229 
NCO HN21   H  N N 230 
NCO HN22   H  N N 231 
NCO HN23   H  N N 232 
NCO HN31   H  N N 233 
NCO HN32   H  N N 234 
NCO HN33   H  N N 235 
NCO HN41   H  N N 236 
NCO HN42   H  N N 237 
NCO HN43   H  N N 238 
NCO HN51   H  N N 239 
NCO HN52   H  N N 240 
NCO HN53   H  N N 241 
NCO HN61   H  N N 242 
NCO HN62   H  N N 243 
NCO HN63   H  N N 244 
# 
loop_
_chem_comp_bond.comp_id 
_chem_comp_bond.atom_id_1 
_chem_comp_bond.atom_id_2 
_chem_comp_bond.value_order 
_chem_comp_bond.pdbx_aromatic_flag 
_chem_comp_bond.pdbx_stereo_config 
_chem_comp_bond.pdbx_ordinal 
C   OP3   P      sing N N 1   
C   OP3   HOP3   sing N N 2   
C   P     OP1    doub N N 3   
C   P     OP2    sing N N 4   
C   P     "O5'"  sing N N 5   
C   OP2   HOP2   sing N N 6   
C   "O5'" "C5'"  sing N N 7   
C   "C5'" "C4'"  sing N N 8   
C   "C5'" "H5'"  sing N N 9   
C   "C5'" "H5''" sing N N 10  
C   "C4'" "O4'"  sing N N 11  
C   "C4'" "C3'"  sing N N 12  
C   "C4'" "H4'"  sing N N 13  
C   "O4'" "C1'"  sing N N 14  
C   "C3'" "O3'"  sing N N 15  
C   "C3'" "C2'"  sing N N 16  
C   "C3'" "H3'"  sing N N 17  
C   "O3'" "HO3'" sing N N 18  
C   "C2'" "O2'"  sing N N 19  
C   "C2'" "C1'"  sing N N 20  
C   "C2'" "H2'"  sing N N 21  
C   "O2'" "HO2'" sing N N 22  
C   "C1'" N1     sing N N 23  
C   "C1'" "H1'"  sing N N 24  
C   N1    C2     sing N N 25  
C   N1    C6     sing N N 26  
C   C2    O2     doub N N 27  
C   C2    N3     sing N N 28  
C   N3    C4     doub N N 29  
C   C4    N4     sing N N 30  
C   C4    C5     sing N N 31  
C   N4    H41    sing N N 32  
C   N4    H42    sing N N 33  
C   C5    C6     doub N N 34  
C   C5    H5     sing N N 35  
C   C6    H6     sing N N 36  
DA  OP3   P      sing N N 37  
DA  OP3   HOP3   sing N N 38  
DA  P     OP1    doub N N 39  
DA  P     OP2    sing N N 40  
DA  P     "O5'"  sing N N 41  
DA  OP2   HOP2   sing N N 42  
DA  "O5'" "C5'"  sing N N 43  
DA  "C5'" "C4'"  sing N N 44  
DA  "C5'" "H5'"  sing N N 45  
DA  "C5'" "H5''" sing N N 46  
DA  "C4'" "O4'"  sing N N 47  
DA  "C4'" "C3'"  sing N N 48  
DA  "C4'" "H4'"  sing N N 49  
DA  "O4'" "C1'"  sing N N 50  
DA  "C3'" "O3'"  sing N N 51  
DA  "C3'" "C2'"  sing N N 52  
DA  "C3'" "H3'"  sing N N 53  
DA  "O3'" "HO3'" sing N N 54  
DA  "C2'" "C1'"  sing N N 55  
DA  "C2'" "H2'"  sing N N 56  
DA  "C2'" "H2''" sing N N 57  
DA  "C1'" N9     sing N N 58  
DA  "C1'" "H1'"  sing N N 59  
DA  N9    C8     sing Y N 60  
DA  N9    C4     sing Y N 61  
DA  C8    N7     doub Y N 62  
DA  C8    H8     sing N N 63  
DA  N7    C5     sing Y N 64  
DA  C5    C6     sing Y N 65  
DA  C5    C4     doub Y N 66  
DA  C6    N6     sing N N 67  
DA  C6    N1     doub Y N 68  
DA  N6    H61    sing N N 69  
DA  N6    H62    sing N N 70  
DA  N1    C2     sing Y N 71  
DA  C2    N3     doub Y N 72  
DA  C2    H2     sing N N 73  
DA  N3    C4     sing Y N 74  
DC  OP3   P      sing N N 75  
DC  OP3   HOP3   sing N N 76  
DC  P     OP1    doub N N 77  
DC  P     OP2    sing N N 78  
DC  P     "O5'"  sing N N 79  
DC  OP2   HOP2   sing N N 80  
DC  "O5'" "C5'"  sing N N 81  
DC  "C5'" "C4'"  sing N N 82  
DC  "C5'" "H5'"  sing N N 83  
DC  "C5'" "H5''" sing N N 84  
DC  "C4'" "O4'"  sing N N 85  
DC  "C4'" "C3'"  sing N N 86  
DC  "C4'" "H4'"  sing N N 87  
DC  "O4'" "C1'"  sing N N 88  
DC  "C3'" "O3'"  sing N N 89  
DC  "C3'" "C2'"  sing N N 90  
DC  "C3'" "H3'"  sing N N 91  
DC  "O3'" "HO3'" sing N N 92  
DC  "C2'" "C1'"  sing N N 93  
DC  "C2'" "H2'"  sing N N 94  
DC  "C2'" "H2''" sing N N 95  
DC  "C1'" N1     sing N N 96  
DC  "C1'" "H1'"  sing N N 97  
DC  N1    C2     sing N N 98  
DC  N1    C6     sing N N 99  
DC  C2    O2     doub N N 100 
DC  C2    N3     sing N N 101 
DC  N3    C4     doub N N 102 
DC  C4    N4     sing N N 103 
DC  C4    C5     sing N N 104 
DC  N4    H41    sing N N 105 
DC  N4    H42    sing N N 106 
DC  C5    C6     doub N N 107 
DC  C5    H5     sing N N 108 
DC  C6    H6     sing N N 109 
DG  OP3   P      sing N N 110 
DG  OP3   HOP3   sing N N 111 
DG  P     OP1    doub N N 112 
DG  P     OP2    sing N N 113 
DG  P     "O5'"  sing N N 114 
DG  OP2   HOP2   sing N N 115 
DG  "O5'" "C5'"  sing N N 116 
DG  "C5'" "C4'"  sing N N 117 
DG  "C5'" "H5'"  sing N N 118 
DG  "C5'" "H5''" sing N N 119 
DG  "C4'" "O4'"  sing N N 120 
DG  "C4'" "C3'"  sing N N 121 
DG  "C4'" "H4'"  sing N N 122 
DG  "O4'" "C1'"  sing N N 123 
DG  "C3'" "O3'"  sing N N 124 
DG  "C3'" "C2'"  sing N N 125 
DG  "C3'" "H3'"  sing N N 126 
DG  "O3'" "HO3'" sing N N 127 
DG  "C2'" "C1'"  sing N N 128 
DG  "C2'" "H2'"  sing N N 129 
DG  "C2'" "H2''" sing N N 130 
DG  "C1'" N9     sing N N 131 
DG  "C1'" "H1'"  sing N N 132 
DG  N9    C8     sing Y N 133 
DG  N9    C4     sing Y N 134 
DG  C8    N7     doub Y N 135 
DG  C8    H8     sing N N 136 
DG  N7    C5     sing Y N 137 
DG  C5    C6     sing N N 138 
DG  C5    C4     doub Y N 139 
DG  C6    O6     doub N N 140 
DG  C6    N1     sing N N 141 
DG  N1    C2     sing N N 142 
DG  N1    H1     sing N N 143 
DG  C2    N2     sing N N 144 
DG  C2    N3     doub N N 145 
DG  N2    H21    sing N N 146 
DG  N2    H22    sing N N 147 
DG  N3    C4     sing N N 148 
DT  OP3   P      sing N N 149 
DT  OP3   HOP3   sing N N 150 
DT  P     OP1    doub N N 151 
DT  P     OP2    sing N N 152 
DT  P     "O5'"  sing N N 153 
DT  OP2   HOP2   sing N N 154 
DT  "O5'" "C5'"  sing N N 155 
DT  "C5'" "C4'"  sing N N 156 
DT  "C5'" "H5'"  sing N N 157 
DT  "C5'" "H5''" sing N N 158 
DT  "C4'" "O4'"  sing N N 159 
DT  "C4'" "C3'"  sing N N 160 
DT  "C4'" "H4'"  sing N N 161 
DT  "O4'" "C1'"  sing N N 162 
DT  "C3'" "O3'"  sing N N 163 
DT  "C3'" "C2'"  sing N N 164 
DT  "C3'" "H3'"  sing N N 165 
DT  "O3'" "HO3'" sing N N 166 
DT  "C2'" "C1'"  sing N N 167 
DT  "C2'" "H2'"  sing N N 168 
DT  "C2'" "H2''" sing N N 169 
DT  "C1'" N1     sing N N 170 
DT  "C1'" "H1'"  sing N N 171 
DT  N1    C2     sing N N 172 
DT  N1    C6     sing N N 173 
DT  C2    O2     doub N N 174 
DT  C2    N3     sing N N 175 
DT  N3    C4     sing N N 176 
DT  N3    H3     sing N N 177 
DT  C4    O4     doub N N 178 
DT  C4    C5     sing N N 179 
DT  C5    C7     sing N N 180 
DT  C5    C6     doub N N 181 
DT  C7    H71    sing N N 182 
DT  C7    H72    sing N N 183 
DT  C7    H73    sing N N 184 
DT  C6    H6     sing N N 185 
G   OP3   P      sing N N 186 
G   OP3   HOP3   sing N N 187 
G   P     OP1    doub N N 188 
G   P     OP2    sing N N 189 
G   P     "O5'"  sing N N 190 
G   OP2   HOP2   sing N N 191 
G   "O5'" "C5'"  sing N N 192 
G   "C5'" "C4'"  sing N N 193 
G   "C5'" "H5'"  sing N N 194 
G   "C5'" "H5''" sing N N 195 
G   "C4'" "O4'"  sing N N 196 
G   "C4'" "C3'"  sing N N 197 
G   "C4'" "H4'"  sing N N 198 
G   "O4'" "C1'"  sing N N 199 
G   "C3'" "O3'"  sing N N 200 
G   "C3'" "C2'"  sing N N 201 
G   "C3'" "H3'"  sing N N 202 
G   "O3'" "HO3'" sing N N 203 
G   "C2'" "O2'"  sing N N 204 
G   "C2'" "C1'"  sing N N 205 
G   "C2'" "H2'"  sing N N 206 
G   "O2'" "HO2'" sing N N 207 
G   "C1'" N9     sing N N 208 
G   "C1'" "H1'"  sing N N 209 
G   N9    C8     sing Y N 210 
G   N9    C4     sing Y N 211 
G   C8    N7     doub Y N 212 
G   C8    H8     sing N N 213 
G   N7    C5     sing Y N 214 
G   C5    C6     sing N N 215 
G   C5    C4     doub Y N 216 
G   C6    O6     doub N N 217 
G   C6    N1     sing N N 218 
G   N1    C2     sing N N 219 
G   N1    H1     sing N N 220 
G   C2    N2     sing N N 221 
G   C2    N3     doub N N 222 
G   N2    H21    sing N N 223 
G   N2    H22    sing N N 224 
G   N3    C4     sing N N 225 
HOH O     H1     sing N N 226 
HOH O     H2     sing N N 227 
NCO CO    N1     sing N N 228 
NCO CO    N2     sing N N 229 
NCO CO    N3     sing N N 230 
NCO CO    N4     sing N N 231 
NCO CO    N5     sing N N 232 
NCO CO    N6     sing N N 233 
NCO N1    HN11   sing N N 234 
NCO N1    HN12   sing N N 235 
NCO N1    HN13   sing N N 236 
NCO N2    HN21   sing N N 237 
NCO N2    HN22   sing N N 238 
NCO N2    HN23   sing N N 239 
NCO N3    HN31   sing N N 240 
NCO N3    HN32   sing N N 241 
NCO N3    HN33   sing N N 242 
NCO N4    HN41   sing N N 243 
NCO N4    HN42   sing N N 244 
NCO N4    HN43   sing N N 245 
NCO N5    HN51   sing N N 246 
NCO N5    HN52   sing N N 247 
NCO N5    HN53   sing N N 248 
NCO N6    HN61   sing N N 249 
NCO N6    HN62   sing N N 250 
NCO N6    HN63   sing N N 251 
# 
_ndb_struct_conf_na.entry_id   222D 
_ndb_struct_conf_na.feature    'a-form double helix' 
# 
loop_
_ndb_struct_na_base_pair.model_number 
_ndb_struct_na_base_pair.i_label_asym_id 
_ndb_struct_na_base_pair.i_label_comp_id 
_ndb_struct_na_base_pair.i_label_seq_id 
_ndb_struct_na_base_pair.i_symmetry 
_ndb_struct_na_base_pair.j_label_asym_id 
_ndb_struct_na_base_pair.j_label_comp_id 
_ndb_struct_na_base_pair.j_label_seq_id 
_ndb_struct_na_base_pair.j_symmetry 
_ndb_struct_na_base_pair.shear 
_ndb_struct_na_base_pair.stretch 
_ndb_struct_na_base_pair.stagger 
_ndb_struct_na_base_pair.buckle 
_ndb_struct_na_base_pair.propeller 
_ndb_struct_na_base_pair.opening 
_ndb_struct_na_base_pair.pair_number 
_ndb_struct_na_base_pair.pair_name 
_ndb_struct_na_base_pair.i_auth_asym_id 
_ndb_struct_na_base_pair.i_auth_seq_id 
_ndb_struct_na_base_pair.i_PDB_ins_code 
_ndb_struct_na_base_pair.j_auth_asym_id 
_ndb_struct_na_base_pair.j_auth_seq_id 
_ndb_struct_na_base_pair.j_PDB_ins_code 
_ndb_struct_na_base_pair.hbond_type_28 
_ndb_struct_na_base_pair.hbond_type_12 
1 A G  1  1_555 B DC 10 1_555 -0.301 -0.163 -0.041 -0.761  -9.395  -0.347 1  A_G1:DC20_B  A 1  ? B 20 ? 19 1 
1 A C  2  1_555 B DG 9  1_555 0.004  -0.135 0.096  7.599   -15.003 3.422  2  A_C2:DG19_B  A 2  ? B 19 ? 19 1 
1 A DG 3  1_555 B DC 8  1_555 -0.168 -0.191 -0.026 -12.173 -11.525 1.602  3  A_DG3:DC18_B A 3  ? B 18 ? 19 1 
1 A DT 4  1_555 B DA 7  1_555 0.051  -0.164 0.057  -1.150  -10.356 2.912  4  A_DT4:DA17_B A 4  ? B 17 ? 20 1 
1 A DA 5  1_555 B DT 6  1_555 0.046  -0.055 -0.026 -4.839  -16.848 -3.490 5  A_DA5:DT16_B A 5  ? B 16 ? 20 1 
1 A DT 6  1_555 B DA 5  1_555 0.333  -0.140 0.155  6.136   -16.286 4.200  6  A_DT6:DA15_B A 6  ? B 15 ? 20 1 
1 A DA 7  1_555 B DT 4  1_555 0.109  -0.158 -0.044 4.612   -19.675 0.005  7  A_DA7:DT14_B A 7  ? B 14 ? 20 1 
1 A DC 8  1_555 B DG 3  1_555 -0.124 -0.364 -0.138 4.196   -12.018 -1.015 8  A_DC8:DG13_B A 8  ? B 13 ? 19 1 
1 A DG 9  1_555 B C  2  1_555 -0.200 -0.194 0.109  0.482   -5.293  -0.183 9  A_DG9:C12_B  A 9  ? B 12 ? 19 1 
1 A DC 10 1_555 B G  1  1_555 0.203  -0.192 -0.130 4.935   -0.006  -1.865 10 A_DC10:G11_B A 10 ? B 11 ? 19 1 
# 
loop_
_ndb_struct_na_base_pair_step.model_number 
_ndb_struct_na_base_pair_step.i_label_asym_id_1 
_ndb_struct_na_base_pair_step.i_label_comp_id_1 
_ndb_struct_na_base_pair_step.i_label_seq_id_1 
_ndb_struct_na_base_pair_step.i_symmetry_1 
_ndb_struct_na_base_pair_step.j_label_asym_id_1 
_ndb_struct_na_base_pair_step.j_label_comp_id_1 
_ndb_struct_na_base_pair_step.j_label_seq_id_1 
_ndb_struct_na_base_pair_step.j_symmetry_1 
_ndb_struct_na_base_pair_step.i_label_asym_id_2 
_ndb_struct_na_base_pair_step.i_label_comp_id_2 
_ndb_struct_na_base_pair_step.i_label_seq_id_2 
_ndb_struct_na_base_pair_step.i_symmetry_2 
_ndb_struct_na_base_pair_step.j_label_asym_id_2 
_ndb_struct_na_base_pair_step.j_label_comp_id_2 
_ndb_struct_na_base_pair_step.j_label_seq_id_2 
_ndb_struct_na_base_pair_step.j_symmetry_2 
_ndb_struct_na_base_pair_step.shift 
_ndb_struct_na_base_pair_step.slide 
_ndb_struct_na_base_pair_step.rise 
_ndb_struct_na_base_pair_step.tilt 
_ndb_struct_na_base_pair_step.roll 
_ndb_struct_na_base_pair_step.twist 
_ndb_struct_na_base_pair_step.x_displacement 
_ndb_struct_na_base_pair_step.y_displacement 
_ndb_struct_na_base_pair_step.helical_rise 
_ndb_struct_na_base_pair_step.inclination 
_ndb_struct_na_base_pair_step.tip 
_ndb_struct_na_base_pair_step.helical_twist 
_ndb_struct_na_base_pair_step.step_number 
_ndb_struct_na_base_pair_step.step_name 
_ndb_struct_na_base_pair_step.i_auth_asym_id_1 
_ndb_struct_na_base_pair_step.i_auth_seq_id_1 
_ndb_struct_na_base_pair_step.i_PDB_ins_code_1 
_ndb_struct_na_base_pair_step.j_auth_asym_id_1 
_ndb_struct_na_base_pair_step.j_auth_seq_id_1 
_ndb_struct_na_base_pair_step.j_PDB_ins_code_1 
_ndb_struct_na_base_pair_step.i_auth_asym_id_2 
_ndb_struct_na_base_pair_step.i_auth_seq_id_2 
_ndb_struct_na_base_pair_step.i_PDB_ins_code_2 
_ndb_struct_na_base_pair_step.j_auth_asym_id_2 
_ndb_struct_na_base_pair_step.j_auth_seq_id_2 
_ndb_struct_na_base_pair_step.j_PDB_ins_code_2 
1 A G  1 1_555 B DC 10 1_555 A C  2  1_555 B DG 9 1_555 0.827  -1.601 3.201 0.932  -0.034 34.236 -2.713 -1.260 3.223 -0.058 -1.582 
34.249 1 AA_G1C2:DG19DC20_BB   A 1 ? B 20 ? A 2  ? B 19 ? 
1 A C  2 1_555 B DG 9  1_555 A DG 3  1_555 B DC 8 1_555 -0.030 -1.742 3.715 0.190  7.961  32.110 -4.507 0.088  3.202 14.123 -0.337 
33.058 2 AA_C2DG3:DC18DG19_BB  A 2 ? B 19 ? A 3  ? B 18 ? 
1 A DG 3 1_555 B DC 8  1_555 A DT 4  1_555 B DA 7 1_555 -1.228 -1.470 3.101 -1.748 5.351  29.118 -3.910 2.061  2.859 10.519 3.436  
29.646 3 AA_DG3DT4:DA17DC18_BB A 3 ? B 18 ? A 4  ? B 17 ? 
1 A DT 4 1_555 B DA 7  1_555 A DA 5  1_555 B DT 6 1_555 0.819  -1.395 3.339 3.169  21.240 25.230 -5.665 -0.962 1.760 40.519 -6.045 
33.019 4 AA_DT4DA5:DT16DA17_BB A 4 ? B 17 ? A 5  ? B 16 ? 
1 A DA 5 1_555 B DT 6  1_555 A DT 6  1_555 B DA 5 1_555 0.894  -1.124 3.102 0.714  2.888  32.852 -2.440 -1.461 3.013 5.093  -1.260 
32.983 5 AA_DA5DT6:DA15DT16_BB A 5 ? B 16 ? A 6  ? B 15 ? 
1 A DT 6 1_555 B DA 5  1_555 A DA 7  1_555 B DT 4 1_555 -0.302 -1.382 3.250 1.641  12.966 29.959 -4.509 0.797  2.439 23.713 -3.001 
32.626 6 AA_DT6DA7:DT14DA15_BB A 6 ? B 15 ? A 7  ? B 14 ? 
1 A DA 7 1_555 B DT 4  1_555 A DC 8  1_555 B DG 3 1_555 0.374  -1.430 3.391 2.140  3.979  31.831 -3.305 -0.287 3.211 7.209  -3.877 
32.142 7 AA_DA7DC8:DG13DT14_BB A 7 ? B 14 ? A 8  ? B 13 ? 
1 A DC 8 1_555 B DG 3  1_555 A DG 9  1_555 B C  2 1_555 0.263  -1.822 3.350 -1.509 10.063 29.247 -5.234 -0.766 2.579 19.210 2.881  
30.930 8 AA_DC8DG9:C12DG13_BB  A 8 ? B 13 ? A 9  ? B 12 ? 
1 A DG 9 1_555 B C  2  1_555 A DC 10 1_555 B G  1 1_555 0.074  -2.119 3.352 1.783  1.300  30.390 -4.296 0.219  3.259 2.477  -3.397 
30.468 9 AA_DG9DC10:G11C12_BB  A 9 ? B 12 ? A 10 ? B 11 ? 
# 
_atom_sites.entry_id                    222D 
_atom_sites.fract_transf_matrix[1][1]   0.00373076 
_atom_sites.fract_transf_matrix[1][2]   -0.00547597 
_atom_sites.fract_transf_matrix[1][3]   0.03906301 
_atom_sites.fract_transf_matrix[2][1]   -0.02220769 
_atom_sites.fract_transf_matrix[2][2]   -0.00270021 
_atom_sites.fract_transf_matrix[2][3]   0.00174245 
_atom_sites.fract_transf_matrix[3][1]   0.00238230 
_atom_sites.fract_transf_matrix[3][2]   -0.02170314 
_atom_sites.fract_transf_matrix[3][3]   -0.00326994 
_atom_sites.fract_transf_vector[1]      0.186213 
_atom_sites.fract_transf_vector[2]      -0.030287 
_atom_sites.fract_transf_vector[3]      0.222170 
# 
loop_
_atom_type.symbol 
C  
CO 
N  
O  
P  
# 
loop_
_atom_site.group_PDB 
_atom_site.id 
_atom_site.type_symbol 
_atom_site.label_atom_id 
_atom_site.label_alt_id 
_atom_site.label_comp_id 
_atom_site.label_asym_id 
_atom_site.label_entity_id 
_atom_site.label_seq_id 
_atom_site.pdbx_PDB_ins_code 
_atom_site.Cartn_x 
_atom_site.Cartn_y 
_atom_site.Cartn_z 
_atom_site.occupancy 
_atom_site.B_iso_or_equiv 
_atom_site.pdbx_formal_charge 
_atom_site.auth_seq_id 
_atom_site.auth_comp_id 
_atom_site.auth_asym_id 
_atom_site.auth_atom_id 
_atom_site.pdbx_PDB_model_num 
ATOM   1   O  "O5'" . G   A 1 1  ? -9.694  4.475   -8.610  1.00 27.28 ? 1  G   A "O5'" 1 
ATOM   2   C  "C5'" . G   A 1 1  ? -10.625 5.086   -7.714  1.00 23.87 ? 1  G   A "C5'" 1 
ATOM   3   C  "C4'" . G   A 1 1  ? -11.603 4.017   -7.322  1.00 26.29 ? 1  G   A "C4'" 1 
ATOM   4   O  "O4'" . G   A 1 1  ? -11.964 3.310   -8.487  1.00 28.36 ? 1  G   A "O4'" 1 
ATOM   5   C  "C3'" . G   A 1 1  ? -11.051 2.920   -6.395  1.00 23.40 ? 1  G   A "C3'" 1 
ATOM   6   O  "O3'" . G   A 1 1  ? -10.911 3.371   -5.067  1.00 27.75 ? 1  G   A "O3'" 1 
ATOM   7   C  "C2'" . G   A 1 1  ? -12.058 1.805   -6.618  1.00 18.72 ? 1  G   A "C2'" 1 
ATOM   8   O  "O2'" . G   A 1 1  ? -13.317 2.060   -6.017  1.00 22.73 ? 1  G   A "O2'" 1 
ATOM   9   C  "C1'" . G   A 1 1  ? -12.157 1.941   -8.113  1.00 25.02 ? 1  G   A "C1'" 1 
ATOM   10  N  N9    . G   A 1 1  ? -11.066 1.202   -8.741  1.00 20.02 ? 1  G   A N9    1 
ATOM   11  C  C8    . G   A 1 1  ? -10.010 1.686   -9.442  1.00 18.19 ? 1  G   A C8    1 
ATOM   12  N  N7    . G   A 1 1  ? -9.231  0.757   -9.921  1.00 23.72 ? 1  G   A N7    1 
ATOM   13  C  C5    . G   A 1 1  ? -9.865  -0.429  -9.489  1.00 25.86 ? 1  G   A C5    1 
ATOM   14  C  C6    . G   A 1 1  ? -9.533  -1.794  -9.729  1.00 19.45 ? 1  G   A C6    1 
ATOM   15  O  O6    . G   A 1 1  ? -8.547  -2.117  -10.406 1.00 19.28 ? 1  G   A O6    1 
ATOM   16  N  N1    . G   A 1 1  ? -10.431 -2.687  -9.194  1.00 19.65 ? 1  G   A N1    1 
ATOM   17  C  C2    . G   A 1 1  ? -11.550 -2.281  -8.487  1.00 11.19 ? 1  G   A C2    1 
ATOM   18  N  N2    . G   A 1 1  ? -12.258 -3.265  -8.004  1.00 13.89 ? 1  G   A N2    1 
ATOM   19  N  N3    . G   A 1 1  ? -11.902 -1.032  -8.217  1.00 12.18 ? 1  G   A N3    1 
ATOM   20  C  C4    . G   A 1 1  ? -11.015 -0.171  -8.767  1.00 20.08 ? 1  G   A C4    1 
ATOM   21  P  P     . C   A 1 2  ? -9.919  2.966   -3.952  1.00 27.21 ? 2  C   A P     1 
ATOM   22  O  OP1   . C   A 1 2  ? -9.970  3.826   -2.697  1.00 26.21 ? 2  C   A OP1   1 
ATOM   23  O  OP2   . C   A 1 2  ? -8.596  3.162   -4.632  1.00 26.51 ? 2  C   A OP2   1 
ATOM   24  O  "O5'" . C   A 1 2  ? -10.391 1.512   -3.489  1.00 22.50 ? 2  C   A "O5'" 1 
ATOM   25  C  "C5'" . C   A 1 2  ? -11.723 1.147   -3.075  1.00 19.78 ? 2  C   A "C5'" 1 
ATOM   26  C  "C4'" . C   A 1 2  ? -11.821 -0.337  -3.294  1.00 17.06 ? 2  C   A "C4'" 1 
ATOM   27  O  "O4'" . C   A 1 2  ? -11.629 -0.679  -4.645  1.00 18.25 ? 2  C   A "O4'" 1 
ATOM   28  C  "C3'" . C   A 1 2  ? -10.700 -1.099  -2.591  1.00 24.03 ? 2  C   A "C3'" 1 
ATOM   29  O  "O3'" . C   A 1 2  ? -10.850 -1.181  -1.175  1.00 25.76 ? 2  C   A "O3'" 1 
ATOM   30  C  "C2'" . C   A 1 2  ? -10.840 -2.431  -3.333  1.00 18.40 ? 2  C   A "C2'" 1 
ATOM   31  O  "O2'" . C   A 1 2  ? -12.126 -2.957  -3.038  1.00 19.12 ? 2  C   A "O2'" 1 
ATOM   32  C  "C1'" . C   A 1 2  ? -10.911 -1.925  -4.722  1.00 11.44 ? 2  C   A "C1'" 1 
ATOM   33  N  N1    . C   A 1 2  ? -9.618  -1.806  -5.392  1.00 20.19 ? 2  C   A N1    1 
ATOM   34  C  C2    . C   A 1 2  ? -9.144  -2.999  -5.967  1.00 13.87 ? 2  C   A C2    1 
ATOM   35  O  O2    . C   A 1 2  ? -9.752  -4.034  -5.781  1.00 14.80 ? 2  C   A O2    1 
ATOM   36  N  N3    . C   A 1 2  ? -7.982  -2.927  -6.698  1.00 23.12 ? 2  C   A N3    1 
ATOM   37  C  C4    . C   A 1 2  ? -7.327  -1.756  -6.934  1.00 21.04 ? 2  C   A C4    1 
ATOM   38  N  N4    . C   A 1 2  ? -6.223  -1.763  -7.674  1.00 16.37 ? 2  C   A N4    1 
ATOM   39  C  C5    . C   A 1 2  ? -7.822  -0.546  -6.364  1.00 19.70 ? 2  C   A C5    1 
ATOM   40  C  C6    . C   A 1 2  ? -8.958  -0.624  -5.635  1.00 21.90 ? 2  C   A C6    1 
ATOM   41  P  P     . DG  A 1 3  ? -9.637  -1.445  -0.186  1.00 19.55 ? 3  DG  A P     1 
ATOM   42  O  OP1   . DG  A 1 3  ? -10.170 -1.393  1.183   1.00 23.61 ? 3  DG  A OP1   1 
ATOM   43  O  OP2   . DG  A 1 3  ? -8.667  -0.407  -0.684  1.00 24.71 ? 3  DG  A OP2   1 
ATOM   44  O  "O5'" . DG  A 1 3  ? -9.188  -2.898  -0.617  1.00 21.18 ? 3  DG  A "O5'" 1 
ATOM   45  C  "C5'" . DG  A 1 3  ? -10.036 -4.038  -0.397  1.00 21.45 ? 3  DG  A "C5'" 1 
ATOM   46  C  "C4'" . DG  A 1 3  ? -9.392  -5.303  -0.924  1.00 11.42 ? 3  DG  A "C4'" 1 
ATOM   47  O  "O4'" . DG  A 1 3  ? -9.160  -5.146  -2.317  1.00 19.27 ? 3  DG  A "O4'" 1 
ATOM   48  C  "C3'" . DG  A 1 3  ? -8.062  -5.753  -0.392  1.00 13.79 ? 3  DG  A "C3'" 1 
ATOM   49  O  "O3'" . DG  A 1 3  ? -8.096  -6.339  0.911   1.00 24.92 ? 3  DG  A "O3'" 1 
ATOM   50  C  "C2'" . DG  A 1 3  ? -7.692  -6.786  -1.459  1.00 16.53 ? 3  DG  A "C2'" 1 
ATOM   51  C  "C1'" . DG  A 1 3  ? -8.099  -6.071  -2.684  1.00 18.23 ? 3  DG  A "C1'" 1 
ATOM   52  N  N9    . DG  A 1 3  ? -7.065  -5.233  -3.295  1.00 17.26 ? 3  DG  A N9    1 
ATOM   53  C  C8    . DG  A 1 3  ? -7.070  -3.832  -3.362  1.00 16.58 ? 3  DG  A C8    1 
ATOM   54  N  N7    . DG  A 1 3  ? -6.088  -3.350  -4.049  1.00 16.61 ? 3  DG  A N7    1 
ATOM   55  C  C5    . DG  A 1 3  ? -5.407  -4.495  -4.486  1.00 20.59 ? 3  DG  A C5    1 
ATOM   56  C  C6    . DG  A 1 3  ? -4.249  -4.651  -5.290  1.00 13.89 ? 3  DG  A C6    1 
ATOM   57  O  O6    . DG  A 1 3  ? -3.582  -3.720  -5.788  1.00 22.34 ? 3  DG  A O6    1 
ATOM   58  N  N1    . DG  A 1 3  ? -3.874  -5.952  -5.470  1.00 10.73 ? 3  DG  A N1    1 
ATOM   59  C  C2    . DG  A 1 3  ? -4.571  -7.007  -4.965  1.00 8.62  ? 3  DG  A C2    1 
ATOM   60  N  N2    . DG  A 1 3  ? -4.066  -8.229  -5.240  1.00 12.72 ? 3  DG  A N2    1 
ATOM   61  N  N3    . DG  A 1 3  ? -5.683  -6.942  -4.225  1.00 16.78 ? 3  DG  A N3    1 
ATOM   62  C  C4    . DG  A 1 3  ? -6.014  -5.648  -4.030  1.00 13.92 ? 3  DG  A C4    1 
ATOM   63  P  P     . DT  A 1 4  ? -6.803  -6.741  1.790   1.00 25.04 ? 4  DT  A P     1 
ATOM   64  O  OP1   . DT  A 1 4  ? -7.304  -7.562  2.907   1.00 23.49 ? 4  DT  A OP1   1 
ATOM   65  O  OP2   . DT  A 1 4  ? -6.220  -5.384  2.140   1.00 26.10 ? 4  DT  A OP2   1 
ATOM   66  O  "O5'" . DT  A 1 4  ? -5.987  -7.793  0.864   1.00 23.75 ? 4  DT  A "O5'" 1 
ATOM   67  C  "C5'" . DT  A 1 4  ? -6.362  -9.198  0.957   1.00 18.51 ? 4  DT  A "C5'" 1 
ATOM   68  C  "C4'" . DT  A 1 4  ? -5.218  -10.064 0.420   1.00 12.35 ? 4  DT  A "C4'" 1 
ATOM   69  O  "O4'" . DT  A 1 4  ? -4.909  -9.588  -0.868  1.00 25.69 ? 4  DT  A "O4'" 1 
ATOM   70  C  "C3'" . DT  A 1 4  ? -3.910  -9.932  1.164   1.00 14.76 ? 4  DT  A "C3'" 1 
ATOM   71  O  "O3'" . DT  A 1 4  ? -3.832  -10.755 2.314   1.00 20.38 ? 4  DT  A "O3'" 1 
ATOM   72  C  "C2'" . DT  A 1 4  ? -2.876  -10.272 0.112   1.00 17.55 ? 4  DT  A "C2'" 1 
ATOM   73  C  "C1'" . DT  A 1 4  ? -3.467  -9.683  -1.111  1.00 26.58 ? 4  DT  A "C1'" 1 
ATOM   74  N  N1    . DT  A 1 4  ? -3.039  -8.323  -1.479  1.00 14.43 ? 4  DT  A N1    1 
ATOM   75  C  C2    . DT  A 1 4  ? -2.027  -8.258  -2.426  1.00 13.39 ? 4  DT  A C2    1 
ATOM   76  O  O2    . DT  A 1 4  ? -1.450  -9.245  -2.855  1.00 18.53 ? 4  DT  A O2    1 
ATOM   77  N  N3    . DT  A 1 4  ? -1.689  -7.023  -2.854  1.00 20.61 ? 4  DT  A N3    1 
ATOM   78  C  C4    . DT  A 1 4  ? -2.312  -5.867  -2.417  1.00 13.81 ? 4  DT  A C4    1 
ATOM   79  O  O4    . DT  A 1 4  ? -1.875  -4.813  -2.948  1.00 19.91 ? 4  DT  A O4    1 
ATOM   80  C  C5    . DT  A 1 4  ? -3.394  -5.977  -1.502  1.00 11.07 ? 4  DT  A C5    1 
ATOM   81  C  C7    . DT  A 1 4  ? -4.120  -4.747  -1.041  1.00 11.12 ? 4  DT  A C7    1 
ATOM   82  C  C6    . DT  A 1 4  ? -3.705  -7.202  -1.055  1.00 12.13 ? 4  DT  A C6    1 
ATOM   83  P  P     . DA  A 1 5  ? -3.151  -10.093 3.583   1.00 22.46 ? 5  DA  A P     1 
ATOM   84  O  OP1   . DA  A 1 5  ? -3.362  -11.045 4.701   1.00 24.65 ? 5  DA  A OP1   1 
ATOM   85  O  OP2   . DA  A 1 5  ? -3.881  -8.838  3.864   1.00 24.28 ? 5  DA  A OP2   1 
ATOM   86  O  "O5'" . DA  A 1 5  ? -1.633  -9.967  3.269   1.00 24.32 ? 5  DA  A "O5'" 1 
ATOM   87  C  "C5'" . DA  A 1 5  ? -0.751  -8.826  3.436   1.00 22.44 ? 5  DA  A "C5'" 1 
ATOM   88  C  "C4'" . DA  A 1 5  ? 0.415   -9.171  2.502   1.00 13.11 ? 5  DA  A "C4'" 1 
ATOM   89  O  "O4'" . DA  A 1 5  ? 0.042   -8.959  1.166   1.00 19.66 ? 5  DA  A "O4'" 1 
ATOM   90  C  "C3'" . DA  A 1 5  ? 1.669   -8.338  2.724   1.00 16.09 ? 5  DA  A "C3'" 1 
ATOM   91  O  "O3'" . DA  A 1 5  ? 2.338   -8.809  3.861   1.00 18.69 ? 5  DA  A "O3'" 1 
ATOM   92  C  "C2'" . DA  A 1 5  ? 2.361   -8.531  1.364   1.00 25.28 ? 5  DA  A "C2'" 1 
ATOM   93  C  "C1'" . DA  A 1 5  ? 1.161   -8.524  0.440   1.00 15.25 ? 5  DA  A "C1'" 1 
ATOM   94  N  N9    . DA  A 1 5  ? 0.811   -7.146  0.057   1.00 19.90 ? 5  DA  A N9    1 
ATOM   95  C  C8    . DA  A 1 5  ? -0.226  -6.358  0.461   1.00 14.93 ? 5  DA  A C8    1 
ATOM   96  N  N7    . DA  A 1 5  ? -0.261  -5.208  -0.162  1.00 8.80  ? 5  DA  A N7    1 
ATOM   97  C  C5    . DA  A 1 5  ? 0.814   -5.242  -1.017  1.00 18.75 ? 5  DA  A C5    1 
ATOM   98  C  C6    . DA  A 1 5  ? 1.358   -4.310  -1.945  1.00 14.77 ? 5  DA  A C6    1 
ATOM   99  N  N6    . DA  A 1 5  ? 0.844   -3.111  -2.168  1.00 17.63 ? 5  DA  A N6    1 
ATOM   100 N  N1    . DA  A 1 5  ? 2.488   -4.731  -2.609  1.00 13.96 ? 5  DA  A N1    1 
ATOM   101 C  C2    . DA  A 1 5  ? 3.042   -5.977  -2.406  1.00 12.50 ? 5  DA  A C2    1 
ATOM   102 N  N3    . DA  A 1 5  ? 2.589   -6.883  -1.551  1.00 14.30 ? 5  DA  A N3    1 
ATOM   103 C  C4    . DA  A 1 5  ? 1.498   -6.448  -0.894  1.00 19.62 ? 5  DA  A C4    1 
ATOM   104 P  P     . DT  A 1 6  ? 3.230   -7.841  4.845   1.00 24.82 ? 6  DT  A P     1 
ATOM   105 O  OP1   . DT  A 1 6  ? 3.825   -8.890  5.638   1.00 27.87 ? 6  DT  A OP1   1 
ATOM   106 O  OP2   . DT  A 1 6  ? 2.371   -6.877  5.496   1.00 21.34 ? 6  DT  A OP2   1 
ATOM   107 O  "O5'" . DT  A 1 6  ? 4.253   -7.247  3.820   1.00 24.37 ? 6  DT  A "O5'" 1 
ATOM   108 C  "C5'" . DT  A 1 6  ? 5.330   -8.164  3.440   1.00 18.11 ? 6  DT  A "C5'" 1 
ATOM   109 C  "C4'" . DT  A 1 6  ? 6.095   -7.381  2.412   1.00 20.14 ? 6  DT  A "C4'" 1 
ATOM   110 O  "O4'" . DT  A 1 6  ? 5.213   -7.092  1.319   1.00 19.98 ? 6  DT  A "O4'" 1 
ATOM   111 C  "C3'" . DT  A 1 6  ? 6.578   -5.992  2.871   1.00 21.05 ? 6  DT  A "C3'" 1 
ATOM   112 O  "O3'" . DT  A 1 6  ? 7.727   -5.967  3.660   1.00 24.95 ? 6  DT  A "O3'" 1 
ATOM   113 C  "C2'" . DT  A 1 6  ? 6.848   -5.355  1.495   1.00 19.07 ? 6  DT  A "C2'" 1 
ATOM   114 C  "C1'" . DT  A 1 6  ? 5.594   -5.828  0.794   1.00 19.51 ? 6  DT  A "C1'" 1 
ATOM   115 N  N1    . DT  A 1 6  ? 4.532   -4.822  0.983   1.00 17.08 ? 6  DT  A N1    1 
ATOM   116 C  C2    . DT  A 1 6  ? 4.598   -3.808  0.020   1.00 17.09 ? 6  DT  A C2    1 
ATOM   117 O  O2    . DT  A 1 6  ? 5.538   -3.795  -0.787  1.00 18.85 ? 6  DT  A O2    1 
ATOM   118 N  N3    . DT  A 1 6  ? 3.652   -2.867  0.086   1.00 14.90 ? 6  DT  A N3    1 
ATOM   119 C  C4    . DT  A 1 6  ? 2.647   -2.863  1.009   1.00 19.68 ? 6  DT  A C4    1 
ATOM   120 O  O4    . DT  A 1 6  ? 1.816   -1.931  0.853   1.00 21.05 ? 6  DT  A O4    1 
ATOM   121 C  C5    . DT  A 1 6  ? 2.623   -3.875  1.992   1.00 20.86 ? 6  DT  A C5    1 
ATOM   122 C  C7    . DT  A 1 6  ? 1.573   -3.957  3.058   1.00 17.75 ? 6  DT  A C7    1 
ATOM   123 C  C6    . DT  A 1 6  ? 3.583   -4.818  1.921   1.00 18.72 ? 6  DT  A C6    1 
ATOM   124 P  P     . DA  A 1 7  ? 8.464   -5.269  4.830   1.00 28.36 ? 7  DA  A P     1 
ATOM   125 O  OP1   . DA  A 1 7  ? 9.428   -6.120  5.586   1.00 27.09 ? 7  DA  A OP1   1 
ATOM   126 O  OP2   . DA  A 1 7  ? 7.317   -4.787  5.657   1.00 23.61 ? 7  DA  A OP2   1 
ATOM   127 O  "O5'" . DA  A 1 7  ? 9.213   -4.044  4.062   1.00 21.36 ? 7  DA  A "O5'" 1 
ATOM   128 C  "C5'" . DA  A 1 7  ? 10.419  -4.042  3.307   1.00 21.13 ? 7  DA  A "C5'" 1 
ATOM   129 C  "C4'" . DA  A 1 7  ? 10.393  -2.880  2.362   1.00 21.51 ? 7  DA  A "C4'" 1 
ATOM   130 O  "O4'" . DA  A 1 7  ? 9.265   -2.901  1.496   1.00 20.59 ? 7  DA  A "O4'" 1 
ATOM   131 C  "C3'" . DA  A 1 7  ? 10.278  -1.500  3.034   1.00 19.15 ? 7  DA  A "C3'" 1 
ATOM   132 O  "O3'" . DA  A 1 7  ? 11.498  -1.159  3.677   1.00 15.47 ? 7  DA  A "O3'" 1 
ATOM   133 C  "C2'" . DA  A 1 7  ? 9.897   -0.658  1.842   1.00 15.46 ? 7  DA  A "C2'" 1 
ATOM   134 C  "C1'" . DA  A 1 7  ? 8.966   -1.598  1.075   1.00 22.43 ? 7  DA  A "C1'" 1 
ATOM   135 N  N9    . DA  A 1 7  ? 7.590   -1.208  1.428   1.00 15.12 ? 7  DA  A N9    1 
ATOM   136 C  C8    . DA  A 1 7  ? 6.762   -1.708  2.371   1.00 15.58 ? 7  DA  A C8    1 
ATOM   137 N  N7    . DA  A 1 7  ? 5.593   -1.116  2.453   1.00 17.52 ? 7  DA  A N7    1 
ATOM   138 C  C5    . DA  A 1 7  ? 5.677   -0.163  1.449   1.00 13.40 ? 7  DA  A C5    1 
ATOM   139 C  C6    . DA  A 1 7  ? 4.750   0.810   1.011   1.00 20.85 ? 7  DA  A C6    1 
ATOM   140 N  N6    . DA  A 1 7  ? 3.567   0.965   1.564   1.00 20.39 ? 7  DA  A N6    1 
ATOM   141 N  N1    . DA  A 1 7  ? 5.214   1.626   0.029   1.00 16.84 ? 7  DA  A N1    1 
ATOM   142 C  C2    . DA  A 1 7  ? 6.444   1.476   -0.524  1.00 15.97 ? 7  DA  A C2    1 
ATOM   143 N  N3    . DA  A 1 7  ? 7.336   0.573   -0.208  1.00 19.07 ? 7  DA  A N3    1 
ATOM   144 C  C4    . DA  A 1 7  ? 6.905   -0.180  0.836   1.00 15.41 ? 7  DA  A C4    1 
ATOM   145 P  P     . DC  A 1 8  ? 11.608  -0.257  4.984   1.00 25.22 ? 8  DC  A P     1 
ATOM   146 O  OP1   . DC  A 1 8  ? 13.000  -0.312  5.537   1.00 25.28 ? 8  DC  A OP1   1 
ATOM   147 O  OP2   . DC  A 1 8  ? 10.503  -0.694  5.888   1.00 24.51 ? 8  DC  A OP2   1 
ATOM   148 O  "O5'" . DC  A 1 8  ? 11.373  1.219   4.439   1.00 21.13 ? 8  DC  A "O5'" 1 
ATOM   149 C  "C5'" . DC  A 1 8  ? 12.262  1.731   3.428   1.00 17.26 ? 8  DC  A "C5'" 1 
ATOM   150 C  "C4'" . DC  A 1 8  ? 11.644  2.943   2.768   1.00 18.59 ? 8  DC  A "C4'" 1 
ATOM   151 O  "O4'" . DC  A 1 8  ? 10.499  2.543   2.013   1.00 15.08 ? 8  DC  A "O4'" 1 
ATOM   152 C  "C3'" . DC  A 1 8  ? 11.141  4.106   3.609   1.00 17.22 ? 8  DC  A "C3'" 1 
ATOM   153 O  "O3'" . DC  A 1 8  ? 12.156  4.981   4.132   1.00 18.90 ? 8  DC  A "O3'" 1 
ATOM   154 C  "C2'" . DC  A 1 8  ? 10.260  4.807   2.592   1.00 11.36 ? 8  DC  A "C2'" 1 
ATOM   155 C  "C1'" . DC  A 1 8  ? 9.605   3.662   1.891   1.00 13.09 ? 8  DC  A "C1'" 1 
ATOM   156 N  N1    . DC  A 1 8  ? 8.316   3.338   2.523   1.00 19.97 ? 8  DC  A N1    1 
ATOM   157 C  C2    . DC  A 1 8  ? 7.240   4.134   2.141   1.00 13.43 ? 8  DC  A C2    1 
ATOM   158 O  O2    . DC  A 1 8  ? 7.457   5.026   1.303   1.00 16.95 ? 8  DC  A O2    1 
ATOM   159 N  N3    . DC  A 1 8  ? 6.071   3.814   2.707   1.00 14.75 ? 8  DC  A N3    1 
ATOM   160 C  C4    . DC  A 1 8  ? 5.893   2.848   3.635   1.00 17.22 ? 8  DC  A C4    1 
ATOM   161 N  N4    . DC  A 1 8  ? 4.676   2.599   4.162   1.00 17.29 ? 8  DC  A N4    1 
ATOM   162 C  C5    . DC  A 1 8  ? 6.992   2.057   4.031   1.00 18.18 ? 8  DC  A C5    1 
ATOM   163 C  C6    . DC  A 1 8  ? 8.182   2.362   3.484   1.00 15.66 ? 8  DC  A C6    1 
ATOM   164 P  P     . DG  A 1 9  ? 12.112  5.699   5.487   1.00 19.71 ? 9  DG  A P     1 
ATOM   165 O  OP1   . DG  A 1 9  ? 13.453  6.089   5.958   1.00 23.73 ? 9  DG  A OP1   1 
ATOM   166 O  OP2   . DG  A 1 9  ? 11.326  4.909   6.521   1.00 23.70 ? 9  DG  A OP2   1 
ATOM   167 O  "O5'" . DG  A 1 9  ? 11.249  7.043   5.299   1.00 22.16 ? 9  DG  A "O5'" 1 
ATOM   168 C  "C5'" . DG  A 1 9  ? 11.446  7.885   4.162   1.00 18.92 ? 9  DG  A "C5'" 1 
ATOM   169 C  "C4'" . DG  A 1 9  ? 10.222  8.758   4.047   1.00 18.58 ? 9  DG  A "C4'" 1 
ATOM   170 O  "O4'" . DG  A 1 9  ? 9.200   7.931   3.449   1.00 18.61 ? 9  DG  A "O4'" 1 
ATOM   171 C  "C3'" . DG  A 1 9  ? 9.558   9.252   5.302   1.00 16.22 ? 9  DG  A "C3'" 1 
ATOM   172 O  "O3'" . DG  A 1 9  ? 10.172  10.339  5.971   1.00 20.60 ? 9  DG  A "O3'" 1 
ATOM   173 C  "C2'" . DG  A 1 9  ? 8.213   9.681   4.658   1.00 16.36 ? 9  DG  A "C2'" 1 
ATOM   174 C  "C1'" . DG  A 1 9  ? 7.955   8.487   3.768   1.00 16.44 ? 9  DG  A "C1'" 1 
ATOM   175 N  N9    . DG  A 1 9  ? 7.152   7.474   4.468   1.00 22.21 ? 9  DG  A N9    1 
ATOM   176 C  C8    . DG  A 1 9  ? 7.540   6.282   5.044   1.00 14.34 ? 9  DG  A C8    1 
ATOM   177 N  N7    . DG  A 1 9  ? 6.544   5.627   5.575   1.00 15.27 ? 9  DG  A N7    1 
ATOM   178 C  C5    . DG  A 1 9  ? 5.438   6.433   5.356   1.00 18.43 ? 9  DG  A C5    1 
ATOM   179 C  C6    . DG  A 1 9  ? 4.045   6.264   5.644   1.00 12.88 ? 9  DG  A C6    1 
ATOM   180 O  O6    . DG  A 1 9  ? 3.571   5.296   6.248   1.00 16.44 ? 9  DG  A O6    1 
ATOM   181 N  N1    . DG  A 1 9  ? 3.249   7.322   5.234   1.00 22.44 ? 9  DG  A N1    1 
ATOM   182 C  C2    . DG  A 1 9  ? 3.741   8.418   4.583   1.00 18.73 ? 9  DG  A C2    1 
ATOM   183 N  N2    . DG  A 1 9  ? 2.916   9.391   4.197   1.00 18.39 ? 9  DG  A N2    1 
ATOM   184 N  N3    . DG  A 1 9  ? 5.012   8.606   4.260   1.00 17.45 ? 9  DG  A N3    1 
ATOM   185 C  C4    . DG  A 1 9  ? 5.796   7.575   4.675   1.00 20.26 ? 9  DG  A C4    1 
ATOM   186 P  P     . DC  A 1 10 ? 10.003  10.698  7.469   1.00 20.62 ? 10 DC  A P     1 
ATOM   187 O  OP1   . DC  A 1 10 ? 10.693  11.761  8.164   1.00 26.27 ? 10 DC  A OP1   1 
ATOM   188 O  OP2   . DC  A 1 10 ? 9.892   9.382   8.142   1.00 24.20 ? 10 DC  A OP2   1 
ATOM   189 O  "O5'" . DC  A 1 10 ? 8.501   11.429  7.543   1.00 21.22 ? 10 DC  A "O5'" 1 
ATOM   190 C  "C5'" . DC  A 1 10 ? 8.165   12.606  6.800   1.00 21.11 ? 10 DC  A "C5'" 1 
ATOM   191 C  "C4'" . DC  A 1 10 ? 6.693   12.887  7.012   1.00 15.61 ? 10 DC  A "C4'" 1 
ATOM   192 O  "O4'" . DC  A 1 10 ? 5.912   11.853  6.419   1.00 19.79 ? 10 DC  A "O4'" 1 
ATOM   193 C  "C3'" . DC  A 1 10 ? 6.263   12.920  8.467   1.00 14.66 ? 10 DC  A "C3'" 1 
ATOM   194 O  "O3'" . DC  A 1 10 ? 6.632   14.159  9.072   1.00 21.47 ? 10 DC  A "O3'" 1 
ATOM   195 C  "C2'" . DC  A 1 10 ? 4.773   12.646  8.341   1.00 19.12 ? 10 DC  A "C2'" 1 
ATOM   196 C  "C1'" . DC  A 1 10 ? 4.703   11.701  7.130   1.00 18.09 ? 10 DC  A "C1'" 1 
ATOM   197 N  N1    . DC  A 1 10 ? 4.530   10.332  7.625   1.00 24.02 ? 10 DC  A N1    1 
ATOM   198 C  C2    . DC  A 1 10 ? 3.220   9.964   7.919   1.00 18.27 ? 10 DC  A C2    1 
ATOM   199 O  O2    . DC  A 1 10 ? 2.317   10.769  7.696   1.00 22.53 ? 10 DC  A O2    1 
ATOM   200 N  N3    . DC  A 1 10 ? 3.039   8.718   8.438   1.00 15.54 ? 10 DC  A N3    1 
ATOM   201 C  C4    . DC  A 1 10 ? 4.033   7.874   8.682   1.00 10.38 ? 10 DC  A C4    1 
ATOM   202 N  N4    . DC  A 1 10 ? 3.755   6.683   9.195   1.00 20.04 ? 10 DC  A N4    1 
ATOM   203 C  C5    . DC  A 1 10 ? 5.382   8.267   8.401   1.00 14.02 ? 10 DC  A C5    1 
ATOM   204 C  C6    . DC  A 1 10 ? 5.577   9.474   7.873   1.00 21.20 ? 10 DC  A C6    1 
ATOM   205 O  "O5'" . G   B 1 1  ? -5.819  4.033   10.301  1.00 26.15 ? 11 G   B "O5'" 1 
ATOM   206 C  "C5'" . G   B 1 1  ? -6.900  4.947   10.629  1.00 17.36 ? 11 G   B "C5'" 1 
ATOM   207 C  "C4'" . G   B 1 1  ? -6.492  6.341   10.179  1.00 25.22 ? 11 G   B "C4'" 1 
ATOM   208 O  "O4'" . G   B 1 1  ? -5.490  6.872   11.023  1.00 29.38 ? 11 G   B "O4'" 1 
ATOM   209 C  "C3'" . G   B 1 1  ? -5.891  6.546   8.793   1.00 23.33 ? 11 G   B "C3'" 1 
ATOM   210 O  "O3'" . G   B 1 1  ? -6.890  6.592   7.795   1.00 18.33 ? 11 G   B "O3'" 1 
ATOM   211 C  "C2'" . G   B 1 1  ? -5.116  7.873   8.905   1.00 19.53 ? 11 G   B "C2'" 1 
ATOM   212 O  "O2'" . G   B 1 1  ? -5.981  9.016   8.785   1.00 18.50 ? 11 G   B "O2'" 1 
ATOM   213 C  "C1'" . G   B 1 1  ? -4.604  7.738   10.297  1.00 21.43 ? 11 G   B "C1'" 1 
ATOM   214 N  N9    . G   B 1 1  ? -3.304  7.057   10.316  1.00 22.83 ? 11 G   B N9    1 
ATOM   215 C  C8    . G   B 1 1  ? -3.035  5.811   10.832  1.00 22.62 ? 11 G   B C8    1 
ATOM   216 N  N7    . G   B 1 1  ? -1.781  5.478   10.745  1.00 25.25 ? 11 G   B N7    1 
ATOM   217 C  C5    . G   B 1 1  ? -1.191  6.594   10.133  1.00 16.23 ? 11 G   B C5    1 
ATOM   218 C  C6    . G   B 1 1  ? 0.158   6.861   9.768   1.00 19.17 ? 11 G   B C6    1 
ATOM   219 O  O6    . G   B 1 1  ? 1.109   6.085   9.952   1.00 20.77 ? 11 G   B O6    1 
ATOM   220 N  N1    . G   B 1 1  ? 0.309   8.079   9.164   1.00 20.89 ? 11 G   B N1    1 
ATOM   221 C  C2    . G   B 1 1  ? -0.690  8.966   8.938   1.00 15.95 ? 11 G   B C2    1 
ATOM   222 N  N2    . G   B 1 1  ? -0.402  10.120  8.313   1.00 21.98 ? 11 G   B N2    1 
ATOM   223 N  N3    . G   B 1 1  ? -1.977  8.769   9.282   1.00 23.37 ? 11 G   B N3    1 
ATOM   224 C  C4    . G   B 1 1  ? -2.131  7.559   9.859   1.00 15.03 ? 11 G   B C4    1 
ATOM   225 P  P     . C   B 1 2  ? -6.597  6.300   6.308   1.00 23.90 ? 12 C   B P     1 
ATOM   226 O  OP1   . C   B 1 2  ? -7.840  6.370   5.550   1.00 27.90 ? 12 C   B OP1   1 
ATOM   227 O  OP2   . C   B 1 2  ? -5.895  5.012   6.554   1.00 21.37 ? 12 C   B OP2   1 
ATOM   228 O  "O5'" . C   B 1 2  ? -5.775  7.474   5.569   1.00 24.51 ? 12 C   B "O5'" 1 
ATOM   229 C  "C5'" . C   B 1 2  ? -5.992  8.895   5.362   1.00 21.08 ? 12 C   B "C5'" 1 
ATOM   230 C  "C4'" . C   B 1 2  ? -4.695  9.538   4.919   1.00 23.01 ? 12 C   B "C4'" 1 
ATOM   231 O  "O4'" . C   B 1 2  ? -3.719  9.497   5.935   1.00 23.58 ? 12 C   B "O4'" 1 
ATOM   232 C  "C3'" . C   B 1 2  ? -3.967  8.869   3.741   1.00 19.13 ? 12 C   B "C3'" 1 
ATOM   233 O  "O3'" . C   B 1 2  ? -4.580  9.056   2.480   1.00 23.34 ? 12 C   B "O3'" 1 
ATOM   234 C  "C2'" . C   B 1 2  ? -2.605  9.520   3.869   1.00 19.30 ? 12 C   B "C2'" 1 
ATOM   235 O  "O2'" . C   B 1 2  ? -2.707  10.916  3.580   1.00 22.13 ? 12 C   B "O2'" 1 
ATOM   236 C  "C1'" . C   B 1 2  ? -2.391  9.363   5.373   1.00 21.07 ? 12 C   B "C1'" 1 
ATOM   237 N  N1    . C   B 1 2  ? -1.663  8.133   5.692   1.00 17.80 ? 12 C   B N1    1 
ATOM   238 C  C2    . C   B 1 2  ? -0.276  8.173   5.458   1.00 14.55 ? 12 C   B C2    1 
ATOM   239 O  O2    . C   B 1 2  ? 0.237   9.175   4.957   1.00 15.61 ? 12 C   B O2    1 
ATOM   240 N  N3    . C   B 1 2  ? 0.452   7.090   5.776   1.00 14.85 ? 12 C   B N3    1 
ATOM   241 C  C4    . C   B 1 2  ? -0.056  5.964   6.330   1.00 17.95 ? 12 C   B C4    1 
ATOM   242 N  N4    . C   B 1 2  ? 0.771   4.982   6.630   1.00 20.82 ? 12 C   B N4    1 
ATOM   243 C  C5    . C   B 1 2  ? -1.450  5.917   6.579   1.00 17.72 ? 12 C   B C5    1 
ATOM   244 C  C6    . C   B 1 2  ? -2.166  7.012   6.274   1.00 15.51 ? 12 C   B C6    1 
ATOM   245 P  P     . DG  B 1 3  ? -4.296  8.008   1.325   1.00 23.45 ? 13 DG  B P     1 
ATOM   246 O  OP1   . DG  B 1 3  ? -5.190  8.312   0.217   1.00 27.77 ? 13 DG  B OP1   1 
ATOM   247 O  OP2   . DG  B 1 3  ? -4.221  6.581   1.676   1.00 21.39 ? 13 DG  B OP2   1 
ATOM   248 O  "O5'" . DG  B 1 3  ? -2.890  8.519   0.641   1.00 22.13 ? 13 DG  B "O5'" 1 
ATOM   249 C  "C5'" . DG  B 1 3  ? -2.688  9.917   0.262   1.00 21.46 ? 13 DG  B "C5'" 1 
ATOM   250 C  "C4'" . DG  B 1 3  ? -1.196  9.980   0.036   1.00 20.05 ? 13 DG  B "C4'" 1 
ATOM   251 O  "O4'" . DG  B 1 3  ? -0.520  9.678   1.250   1.00 21.60 ? 13 DG  B "O4'" 1 
ATOM   252 C  "C3'" . DG  B 1 3  ? -0.640  9.002   -0.986  1.00 16.83 ? 13 DG  B "C3'" 1 
ATOM   253 O  "O3'" . DG  B 1 3  ? -0.697  9.460   -2.325  1.00 16.63 ? 13 DG  B "O3'" 1 
ATOM   254 C  "C2'" . DG  B 1 3  ? 0.823   8.889   -0.546  1.00 17.20 ? 13 DG  B "C2'" 1 
ATOM   255 C  "C1'" . DG  B 1 3  ? 0.729   9.052   0.936   1.00 13.06 ? 13 DG  B "C1'" 1 
ATOM   256 N  N9    . DG  B 1 3  ? 0.787   7.728   1.568   1.00 21.39 ? 13 DG  B N9    1 
ATOM   257 C  C8    . DG  B 1 3  ? -0.184  6.986   2.148   1.00 14.25 ? 13 DG  B C8    1 
ATOM   258 N  N7    . DG  B 1 3  ? 0.259   5.888   2.664   1.00 24.04 ? 13 DG  B N7    1 
ATOM   259 C  C5    . DG  B 1 3  ? 1.636   5.900   2.450   1.00 19.98 ? 13 DG  B C5    1 
ATOM   260 C  C6    . DG  B 1 3  ? 2.662   4.969   2.774   1.00 15.57 ? 13 DG  B C6    1 
ATOM   261 O  O6    . DG  B 1 3  ? 2.520   3.915   3.395   1.00 16.69 ? 13 DG  B O6    1 
ATOM   262 N  N1    . DG  B 1 3  ? 3.910   5.344   2.328   1.00 19.24 ? 13 DG  B N1    1 
ATOM   263 C  C2    . DG  B 1 3  ? 4.142   6.477   1.638   1.00 10.70 ? 13 DG  B C2    1 
ATOM   264 N  N2    . DG  B 1 3  ? 5.401   6.751   1.291   1.00 13.85 ? 13 DG  B N2    1 
ATOM   265 N  N3    . DG  B 1 3  ? 3.224   7.378   1.323   1.00 20.69 ? 13 DG  B N3    1 
ATOM   266 C  C4    . DG  B 1 3  ? 1.982   7.023   1.763   1.00 26.96 ? 13 DG  B C4    1 
ATOM   267 P  P     . DT  B 1 4  ? -0.779  8.611   -3.596  1.00 22.18 ? 14 DT  B P     1 
ATOM   268 O  OP1   . DT  B 1 4  ? -1.283  9.223   -4.821  1.00 22.62 ? 14 DT  B OP1   1 
ATOM   269 O  OP2   . DT  B 1 4  ? -1.565  7.368   -3.200  1.00 23.83 ? 14 DT  B OP2   1 
ATOM   270 O  "O5'" . DT  B 1 4  ? 0.704   8.098   -3.852  1.00 19.55 ? 14 DT  B "O5'" 1 
ATOM   271 C  "C5'" . DT  B 1 4  ? 1.713   9.099   -4.139  1.00 18.35 ? 14 DT  B "C5'" 1 
ATOM   272 C  "C4'" . DT  B 1 4  ? 3.064   8.446   -4.052  1.00 16.32 ? 14 DT  B "C4'" 1 
ATOM   273 O  "O4'" . DT  B 1 4  ? 3.406   8.130   -2.708  1.00 23.31 ? 14 DT  B "O4'" 1 
ATOM   274 C  "C3'" . DT  B 1 4  ? 3.188   7.087   -4.759  1.00 20.82 ? 14 DT  B "C3'" 1 
ATOM   275 O  "O3'" . DT  B 1 4  ? 3.166   7.209   -6.163  1.00 17.47 ? 14 DT  B "O3'" 1 
ATOM   276 C  "C2'" . DT  B 1 4  ? 4.488   6.596   -4.155  1.00 15.79 ? 14 DT  B "C2'" 1 
ATOM   277 C  "C1'" . DT  B 1 4  ? 4.277   6.967   -2.707  1.00 15.06 ? 14 DT  B "C1'" 1 
ATOM   278 N  N1    . DT  B 1 4  ? 3.604   5.898   -1.973  1.00 22.51 ? 14 DT  B N1    1 
ATOM   279 C  C2    . DT  B 1 4  ? 4.359   4.854   -1.498  1.00 17.45 ? 14 DT  B C2    1 
ATOM   280 O  O2    . DT  B 1 4  ? 5.570   4.841   -1.694  1.00 18.39 ? 14 DT  B O2    1 
ATOM   281 N  N3    . DT  B 1 4  ? 3.712   3.871   -0.826  1.00 17.88 ? 14 DT  B N3    1 
ATOM   282 C  C4    . DT  B 1 4  ? 2.377   3.828   -0.620  1.00 19.20 ? 14 DT  B C4    1 
ATOM   283 O  O4    . DT  B 1 4  ? 1.884   2.807   0.006   1.00 20.61 ? 14 DT  B O4    1 
ATOM   284 C  C5    . DT  B 1 4  ? 1.598   4.907   -1.134  1.00 25.67 ? 14 DT  B C5    1 
ATOM   285 C  C7    . DT  B 1 4  ? 0.094   4.908   -0.955  1.00 17.80 ? 14 DT  B C7    1 
ATOM   286 C  C6    . DT  B 1 4  ? 2.227   5.900   -1.797  1.00 18.10 ? 14 DT  B C6    1 
ATOM   287 P  P     . DA  B 1 5  ? 2.960   6.110   -7.217  1.00 25.07 ? 15 DA  B P     1 
ATOM   288 O  OP1   . DA  B 1 5  ? 3.020   6.738   -8.583  1.00 22.45 ? 15 DA  B OP1   1 
ATOM   289 O  OP2   . DA  B 1 5  ? 1.713   5.268   -6.964  1.00 23.62 ? 15 DA  B OP2   1 
ATOM   290 O  "O5'" . DA  B 1 5  ? 4.084   5.053   -6.932  1.00 20.78 ? 15 DA  B "O5'" 1 
ATOM   291 C  "C5'" . DA  B 1 5  ? 5.413   5.178   -7.469  1.00 19.43 ? 15 DA  B "C5'" 1 
ATOM   292 C  "C4'" . DA  B 1 5  ? 6.193   4.019   -6.912  1.00 15.01 ? 15 DA  B "C4'" 1 
ATOM   293 O  "O4'" . DA  B 1 5  ? 6.004   3.906   -5.530  1.00 18.82 ? 15 DA  B "O4'" 1 
ATOM   294 C  "C3'" . DA  B 1 5  ? 5.757   2.661   -7.450  1.00 15.03 ? 15 DA  B "C3'" 1 
ATOM   295 O  "O3'" . DA  B 1 5  ? 6.282   2.455   -8.760  1.00 22.76 ? 15 DA  B "O3'" 1 
ATOM   296 C  "C2'" . DA  B 1 5  ? 6.309   1.725   -6.403  1.00 19.72 ? 15 DA  B "C2'" 1 
ATOM   297 C  "C1'" . DA  B 1 5  ? 6.146   2.507   -5.135  1.00 16.13 ? 15 DA  B "C1'" 1 
ATOM   298 N  N9    . DA  B 1 5  ? 4.971   2.074   -4.378  1.00 17.37 ? 15 DA  B N9    1 
ATOM   299 C  C8    . DA  B 1 5  ? 3.730   2.706   -4.337  1.00 9.41  ? 15 DA  B C8    1 
ATOM   300 N  N7    . DA  B 1 5  ? 2.885   2.123   -3.562  1.00 12.32 ? 15 DA  B N7    1 
ATOM   301 C  C5    . DA  B 1 5  ? 3.562   1.000   -3.099  1.00 21.44 ? 15 DA  B C5    1 
ATOM   302 C  C6    . DA  B 1 5  ? 3.169   -0.029  -2.189  1.00 12.42 ? 15 DA  B C6    1 
ATOM   303 N  N6    . DA  B 1 5  ? 1.963   -0.088  -1.634  1.00 11.63 ? 15 DA  B N6    1 
ATOM   304 N  N1    . DA  B 1 5  ? 4.157   -0.902  -1.909  1.00 14.64 ? 15 DA  B N1    1 
ATOM   305 C  C2    . DA  B 1 5  ? 5.382   -0.881  -2.504  1.00 15.66 ? 15 DA  B C2    1 
ATOM   306 N  N3    . DA  B 1 5  ? 5.827   0.041   -3.374  1.00 20.65 ? 15 DA  B N3    1 
ATOM   307 C  C4    . DA  B 1 5  ? 4.848   0.946   -3.615  1.00 20.15 ? 15 DA  B C4    1 
ATOM   308 P  P     . DT  B 1 6  ? 5.716   1.235   -9.605  1.00 20.95 ? 16 DT  B P     1 
ATOM   309 O  OP1   . DT  B 1 6  ? 6.599   1.443   -10.774 1.00 25.09 ? 16 DT  B OP1   1 
ATOM   310 O  OP2   . DT  B 1 6  ? 4.289   1.266   -9.728  1.00 22.33 ? 16 DT  B OP2   1 
ATOM   311 O  "O5'" . DT  B 1 6  ? 6.412   0.047   -8.829  1.00 24.71 ? 16 DT  B "O5'" 1 
ATOM   312 C  "C5'" . DT  B 1 6  ? 7.729   -0.499  -9.200  1.00 23.42 ? 16 DT  B "C5'" 1 
ATOM   313 C  "C4'" . DT  B 1 6  ? 7.802   -1.833  -8.492  1.00 15.38 ? 16 DT  B "C4'" 1 
ATOM   314 O  "O4'" . DT  B 1 6  ? 7.501   -1.646  -7.104  1.00 15.55 ? 16 DT  B "O4'" 1 
ATOM   315 C  "C3'" . DT  B 1 6  ? 6.825   -2.907  -8.952  1.00 18.20 ? 16 DT  B "C3'" 1 
ATOM   316 O  "O3'" . DT  B 1 6  ? 7.123   -3.650  -10.140 1.00 25.29 ? 16 DT  B "O3'" 1 
ATOM   317 C  "C2'" . DT  B 1 6  ? 6.909   -3.824  -7.701  1.00 20.02 ? 16 DT  B "C2'" 1 
ATOM   318 C  "C1'" . DT  B 1 6  ? 6.765   -2.824  -6.610  1.00 21.71 ? 16 DT  B "C1'" 1 
ATOM   319 N  N1    . DT  B 1 6  ? 5.364   -2.524  -6.201  1.00 19.15 ? 16 DT  B N1    1 
ATOM   320 C  C2    . DT  B 1 6  ? 4.876   -3.289  -5.121  1.00 13.96 ? 16 DT  B C2    1 
ATOM   321 O  O2    . DT  B 1 6  ? 5.517   -4.240  -4.662  1.00 19.37 ? 16 DT  B O2    1 
ATOM   322 N  N3    . DT  B 1 6  ? 3.637   -2.985  -4.644  1.00 12.44 ? 16 DT  B N3    1 
ATOM   323 C  C4    . DT  B 1 6  ? 2.873   -1.988  -5.156  1.00 19.69 ? 16 DT  B C4    1 
ATOM   324 O  O4    . DT  B 1 6  ? 1.744   -1.771  -4.626  1.00 20.12 ? 16 DT  B O4    1 
ATOM   325 C  C5    . DT  B 1 6  ? 3.380   -1.192  -6.240  1.00 12.72 ? 16 DT  B C5    1 
ATOM   326 C  C7    . DT  B 1 6  ? 2.532   -0.051  -6.723  1.00 13.56 ? 16 DT  B C7    1 
ATOM   327 C  C6    . DT  B 1 6  ? 4.594   -1.492  -6.675  1.00 14.35 ? 16 DT  B C6    1 
ATOM   328 P  P     . DA  B 1 7  ? 6.076   -4.294  -11.177 1.00 23.39 ? 17 DA  B P     1 
ATOM   329 O  OP1   . DA  B 1 7  ? 6.556   -4.257  -12.515 1.00 25.52 ? 17 DA  B OP1   1 
ATOM   330 O  OP2   . DA  B 1 7  ? 4.793   -3.441  -11.293 1.00 27.84 ? 17 DA  B OP2   1 
ATOM   331 O  "O5'" . DA  B 1 7  ? 5.580   -5.644  -10.474 1.00 24.21 ? 17 DA  B "O5'" 1 
ATOM   332 C  "C5'" . DA  B 1 7  ? 6.543   -6.581  -9.973  1.00 16.52 ? 17 DA  B "C5'" 1 
ATOM   333 C  "C4'" . DA  B 1 7  ? 5.867   -7.764  -9.344  1.00 22.30 ? 17 DA  B "C4'" 1 
ATOM   334 O  "O4'" . DA  B 1 7  ? 5.614   -7.439  -7.984  1.00 23.89 ? 17 DA  B "O4'" 1 
ATOM   335 C  "C3'" . DA  B 1 7  ? 4.518   -8.171  -9.890  1.00 18.14 ? 17 DA  B "C3'" 1 
ATOM   336 O  "O3'" . DA  B 1 7  ? 4.527   -8.936  -11.075 1.00 28.07 ? 17 DA  B "O3'" 1 
ATOM   337 C  "C2'" . DA  B 1 7  ? 3.942   -8.960  -8.706  1.00 18.62 ? 17 DA  B "C2'" 1 
ATOM   338 C  "C1'" . DA  B 1 7  ? 4.411   -8.129  -7.584  1.00 19.09 ? 17 DA  B "C1'" 1 
ATOM   339 N  N9    . DA  B 1 7  ? 3.428   -7.075  -7.220  1.00 19.99 ? 17 DA  B N9    1 
ATOM   340 C  C8    . DA  B 1 7  ? 3.406   -5.786  -7.632  1.00 11.35 ? 17 DA  B C8    1 
ATOM   341 N  N7    . DA  B 1 7  ? 2.463   -5.094  -7.099  1.00 17.06 ? 17 DA  B N7    1 
ATOM   342 C  C5    . DA  B 1 7  ? 1.847   -5.980  -6.222  1.00 15.63 ? 17 DA  B C5    1 
ATOM   343 C  C6    . DA  B 1 7  ? 0.737   -5.829  -5.337  1.00 10.78 ? 17 DA  B C6    1 
ATOM   344 N  N6    . DA  B 1 7  ? 0.062   -4.732  -5.167  1.00 14.73 ? 17 DA  B N6    1 
ATOM   345 N  N1    . DA  B 1 7  ? 0.439   -6.978  -4.658  1.00 17.89 ? 17 DA  B N1    1 
ATOM   346 C  C2    . DA  B 1 7  ? 1.140   -8.125  -4.792  1.00 15.07 ? 17 DA  B C2    1 
ATOM   347 N  N3    . DA  B 1 7  ? 2.127   -8.331  -5.611  1.00 15.88 ? 17 DA  B N3    1 
ATOM   348 C  C4    . DA  B 1 7  ? 2.433   -7.221  -6.301  1.00 15.44 ? 17 DA  B C4    1 
ATOM   349 P  P     . DC  B 1 8  ? 3.440   -9.092  -12.204 1.00 24.04 ? 18 DC  B P     1 
ATOM   350 O  OP1   . DC  B 1 8  ? 4.109   -10.213 -12.869 1.00 25.73 ? 18 DC  B OP1   1 
ATOM   351 O  OP2   . DC  B 1 8  ? 3.140   -7.839  -12.875 1.00 20.91 ? 18 DC  B OP2   1 
ATOM   352 O  "O5'" . DC  B 1 8  ? 2.151   -9.674  -11.573 1.00 24.43 ? 18 DC  B "O5'" 1 
ATOM   353 C  "C5'" . DC  B 1 8  ? 1.797   -10.976 -11.206 1.00 25.22 ? 18 DC  B "C5'" 1 
ATOM   354 C  "C4'" . DC  B 1 8  ? 0.685   -10.872 -10.196 1.00 23.20 ? 18 DC  B "C4'" 1 
ATOM   355 O  "O4'" . DC  B 1 8  ? 0.952   -9.762  -9.326  1.00 18.82 ? 18 DC  B "O4'" 1 
ATOM   356 C  "C3'" . DC  B 1 8  ? -0.714  -10.573 -10.694 1.00 22.27 ? 18 DC  B "C3'" 1 
ATOM   357 O  "O3'" . DC  B 1 8  ? -1.389  -11.643 -11.363 1.00 27.83 ? 18 DC  B "O3'" 1 
ATOM   358 C  "C2'" . DC  B 1 8  ? -1.399  -10.203 -9.366  1.00 12.96 ? 18 DC  B "C2'" 1 
ATOM   359 C  "C1'" . DC  B 1 8  ? -0.282  -9.589  -8.593  1.00 17.41 ? 18 DC  B "C1'" 1 
ATOM   360 N  N1    . DC  B 1 8  ? -0.594  -8.159  -8.458  1.00 18.75 ? 18 DC  B N1    1 
ATOM   361 C  C2    . DC  B 1 8  ? -1.509  -7.846  -7.473  1.00 17.58 ? 18 DC  B C2    1 
ATOM   362 O  O2    . DC  B 1 8  ? -1.986  -8.736  -6.778  1.00 18.22 ? 18 DC  B O2    1 
ATOM   363 N  N3    . DC  B 1 8  ? -1.833  -6.532  -7.315  1.00 20.86 ? 18 DC  B N3    1 
ATOM   364 C  C4    . DC  B 1 8  ? -1.347  -5.580  -8.147  1.00 15.00 ? 18 DC  B C4    1 
ATOM   365 N  N4    . DC  B 1 8  ? -1.665  -4.296  -7.906  1.00 17.64 ? 18 DC  B N4    1 
ATOM   366 C  C5    . DC  B 1 8  ? -0.438  -5.930  -9.163  1.00 18.33 ? 18 DC  B C5    1 
ATOM   367 C  C6    . DC  B 1 8  ? -0.083  -7.220  -9.276  1.00 12.81 ? 18 DC  B C6    1 
ATOM   368 P  P     . DG  B 1 9  ? -2.768  -11.530 -12.230 1.00 26.78 ? 19 DG  B P     1 
ATOM   369 O  OP1   . DG  B 1 9  ? -2.644  -12.906 -12.910 1.00 26.07 ? 19 DG  B OP1   1 
ATOM   370 O  OP2   . DG  B 1 9  ? -2.991  -10.343 -13.056 1.00 23.45 ? 19 DG  B OP2   1 
ATOM   371 O  "O5'" . DG  B 1 9  ? -3.996  -11.797 -11.198 1.00 23.93 ? 19 DG  B "O5'" 1 
ATOM   372 C  "C5'" . DG  B 1 9  ? -4.077  -12.759 -10.106 1.00 12.80 ? 19 DG  B "C5'" 1 
ATOM   373 C  "C4'" . DG  B 1 9  ? -5.016  -12.162 -9.091  1.00 19.84 ? 19 DG  B "C4'" 1 
ATOM   374 O  "O4'" . DG  B 1 9  ? -4.447  -10.970 -8.543  1.00 19.64 ? 19 DG  B "O4'" 1 
ATOM   375 C  "C3'" . DG  B 1 9  ? -6.361  -11.667 -9.622  1.00 16.97 ? 19 DG  B "C3'" 1 
ATOM   376 O  "O3'" . DG  B 1 9  ? -7.295  -12.717 -9.849  1.00 21.19 ? 19 DG  B "O3'" 1 
ATOM   377 C  "C2'" . DG  B 1 9  ? -6.795  -10.729 -8.491  1.00 20.01 ? 19 DG  B "C2'" 1 
ATOM   378 C  "C1'" . DG  B 1 9  ? -5.515  -10.157 -8.050  1.00 17.06 ? 19 DG  B "C1'" 1 
ATOM   379 N  N9    . DG  B 1 9  ? -5.265  -8.815  -8.579  1.00 18.43 ? 19 DG  B N9    1 
ATOM   380 C  C8    . DG  B 1 9  ? -4.333  -8.401  -9.486  1.00 15.80 ? 19 DG  B C8    1 
ATOM   381 N  N7    . DG  B 1 9  ? -4.311  -7.095  -9.702  1.00 17.12 ? 19 DG  B N7    1 
ATOM   382 C  C5    . DG  B 1 9  ? -5.314  -6.639  -8.866  1.00 15.74 ? 19 DG  B C5    1 
ATOM   383 C  C6    . DG  B 1 9  ? -5.794  -5.336  -8.605  1.00 14.71 ? 19 DG  B C6    1 
ATOM   384 O  O6    . DG  B 1 9  ? -5.444  -4.275  -9.093  1.00 20.67 ? 19 DG  B O6    1 
ATOM   385 N  N1    . DG  B 1 9  ? -6.862  -5.351  -7.724  1.00 19.17 ? 19 DG  B N1    1 
ATOM   386 C  C2    . DG  B 1 9  ? -7.351  -6.437  -7.138  1.00 14.09 ? 19 DG  B C2    1 
ATOM   387 N  N2    . DG  B 1 9  ? -8.410  -6.297  -6.296  1.00 19.47 ? 19 DG  B N2    1 
ATOM   388 N  N3    . DG  B 1 9  ? -6.932  -7.668  -7.315  1.00 18.82 ? 19 DG  B N3    1 
ATOM   389 C  C4    . DG  B 1 9  ? -5.908  -7.682  -8.188  1.00 19.54 ? 19 DG  B C4    1 
ATOM   390 P  P     . DC  B 1 10 ? -8.530  -12.352 -10.789 1.00 23.93 ? 20 DC  B P     1 
ATOM   391 O  OP1   . DC  B 1 10 ? -9.018  -13.765 -10.812 1.00 21.78 ? 20 DC  B OP1   1 
ATOM   392 O  OP2   . DC  B 1 10 ? -7.810  -11.643 -11.938 1.00 24.57 ? 20 DC  B OP2   1 
ATOM   393 O  "O5'" . DC  B 1 10 ? -9.615  -11.478 -10.069 1.00 23.81 ? 20 DC  B "O5'" 1 
ATOM   394 C  "C5'" . DC  B 1 10 ? -9.974  -11.838 -8.702  1.00 21.75 ? 20 DC  B "C5'" 1 
ATOM   395 C  "C4'" . DC  B 1 10 ? -11.074 -10.885 -8.274  1.00 13.03 ? 20 DC  B "C4'" 1 
ATOM   396 O  "O4'" . DC  B 1 10 ? -10.456 -9.704  -7.865  1.00 16.31 ? 20 DC  B "O4'" 1 
ATOM   397 C  "C3'" . DC  B 1 10 ? -12.073 -10.506 -9.354  1.00 17.42 ? 20 DC  B "C3'" 1 
ATOM   398 O  "O3'" . DC  B 1 10 ? -13.272 -11.274 -9.352  1.00 24.13 ? 20 DC  B "O3'" 1 
ATOM   399 C  "C2'" . DC  B 1 10 ? -12.394 -9.042  -9.052  1.00 23.81 ? 20 DC  B "C2'" 1 
ATOM   400 C  "C1'" . DC  B 1 10 ? -11.213 -8.577  -8.257  1.00 19.66 ? 20 DC  B "C1'" 1 
ATOM   401 N  N1    . DC  B 1 10 ? -10.364 -7.675  -9.066  1.00 20.05 ? 20 DC  B N1    1 
ATOM   402 C  C2    . DC  B 1 10 ? -10.582 -6.336  -8.853  1.00 15.74 ? 20 DC  B C2    1 
ATOM   403 O  O2    . DC  B 1 10 ? -11.420 -5.900  -8.065  1.00 16.55 ? 20 DC  B O2    1 
ATOM   404 N  N3    . DC  B 1 10 ? -9.771  -5.496  -9.548  1.00 15.36 ? 20 DC  B N3    1 
ATOM   405 C  C4    . DC  B 1 10 ? -8.811  -5.915  -10.417 1.00 12.49 ? 20 DC  B C4    1 
ATOM   406 N  N4    . DC  B 1 10 ? -8.121  -4.919  -10.986 1.00 16.96 ? 20 DC  B N4    1 
ATOM   407 C  C5    . DC  B 1 10 ? -8.607  -7.304  -10.650 1.00 13.33 ? 20 DC  B C5    1 
ATOM   408 C  C6    . DC  B 1 10 ? -9.385  -8.126  -9.915  1.00 15.48 ? 20 DC  B C6    1 
HETATM 409 CO CO    . NCO C 2 .  ? 17.211  8.420   5.821   0.50 52.09 ? 22 NCO A CO    1 
HETATM 410 N  N1    . NCO C 2 .  ? 16.318  8.719   7.525   0.50 47.97 ? 22 NCO A N1    1 
HETATM 411 N  N2    . NCO C 2 .  ? 15.417  8.786   4.930   0.50 43.93 ? 22 NCO A N2    1 
HETATM 412 N  N3    . NCO C 2 .  ? 17.964  8.139   4.015   0.50 48.08 ? 22 NCO A N3    1 
HETATM 413 N  N4    . NCO C 2 .  ? 18.925  8.103   6.634   0.50 45.40 ? 22 NCO A N4    1 
HETATM 414 N  N5    . NCO C 2 .  ? 16.740  6.531   5.965   0.50 24.02 ? 22 NCO A N5    1 
HETATM 415 N  N6    . NCO C 2 .  ? 17.639  10.344  5.656   0.50 29.73 ? 22 NCO A N6    1 
HETATM 416 CO CO    . NCO D 2 .  ? 0.543   2.702   17.532  0.50 39.80 ? 21 NCO B CO    1 
HETATM 417 N  N1    . NCO D 2 .  ? 0.075   0.776   17.527  0.50 38.60 ? 21 NCO B N1    1 
HETATM 418 N  N2    . NCO D 2 .  ? 1.852   2.411   16.194  0.50 44.82 ? 21 NCO B N2    1 
HETATM 419 N  N3    . NCO D 2 .  ? 0.949   4.609   17.738  0.50 50.07 ? 21 NCO B N3    1 
HETATM 420 N  N4    . NCO D 2 .  ? -0.822  3.012   19.035  0.50 38.38 ? 21 NCO B N4    1 
HETATM 421 N  N5    . NCO D 2 .  ? -0.833  3.094   16.216  0.50 46.47 ? 21 NCO B N5    1 
HETATM 422 N  N6    . NCO D 2 .  ? 1.832   2.238   19.013  0.50 51.44 ? 21 NCO B N6    1 
HETATM 423 O  O     . HOH E 3 .  ? -6.431  3.003   0.323   1.00 32.63 ? 23 HOH A O     1 
HETATM 424 O  O     . HOH E 3 .  ? 4.278   -2.016  4.438   1.00 30.22 ? 24 HOH A O     1 
HETATM 425 O  O     . HOH E 3 .  ? 11.548  2.215   8.687   1.00 39.35 ? 25 HOH A O     1 
HETATM 426 O  O     . HOH E 3 .  ? 10.063  2.882   10.643  1.00 32.94 ? 26 HOH A O     1 
HETATM 427 O  O     . HOH E 3 .  ? 11.710  5.733   10.109  1.00 28.91 ? 27 HOH A O     1 
HETATM 428 O  O     . HOH E 3 .  ? 7.417   13.372  2.974   1.00 43.75 ? 28 HOH A O     1 
HETATM 429 O  O     . HOH E 3 .  ? -1.976  -4.534  4.183   1.00 35.92 ? 31 HOH A O     1 
HETATM 430 O  O     . HOH E 3 .  ? 10.756  0.892   13.405  1.00 31.30 ? 32 HOH A O     1 
HETATM 431 O  O     . HOH E 3 .  ? -18.825 -1.233  5.106   1.00 57.42 ? 33 HOH A O     1 
HETATM 432 O  O     . HOH E 3 .  ? 11.189  13.706  5.314   1.00 22.75 ? 35 HOH A O     1 
HETATM 433 O  O     . HOH E 3 .  ? 4.526   0.306   5.813   1.00 54.69 ? 37 HOH A O     1 
HETATM 434 O  O     . HOH E 3 .  ? 8.043   -5.352  9.445   1.00 49.11 ? 39 HOH A O     1 
HETATM 435 O  O     . HOH E 3 .  ? 4.605   -9.300  -1.293  1.00 31.65 ? 42 HOH A O     1 
HETATM 436 O  O     . HOH E 3 .  ? 14.019  9.791   7.790   1.00 31.55 ? 43 HOH A O     1 
HETATM 437 O  O     . HOH E 3 .  ? 13.631  11.646  4.554   1.00 35.50 ? 44 HOH A O     1 
HETATM 438 O  O     . HOH E 3 .  ? -2.289  -2.552  1.010   1.00 34.33 ? 46 HOH A O     1 
HETATM 439 O  O     . HOH E 3 .  ? -2.302  -2.136  -3.047  1.00 32.04 ? 47 HOH A O     1 
HETATM 440 O  O     . HOH E 3 .  ? 17.064  2.418   6.645   1.00 54.42 ? 48 HOH A O     1 
HETATM 441 O  O     . HOH E 3 .  ? -0.408  -6.523  6.138   1.00 41.38 ? 49 HOH A O     1 
HETATM 442 O  O     . HOH E 3 .  ? -3.252  -6.147  2.451   1.00 25.17 ? 50 HOH A O     1 
HETATM 443 O  O     . HOH E 3 .  ? 7.081   3.615   7.241   1.00 36.29 ? 52 HOH A O     1 
HETATM 444 O  O     . HOH E 3 .  ? 4.980   11.009  2.938   1.00 51.95 ? 54 HOH A O     1 
HETATM 445 O  O     . HOH E 3 .  ? -18.761 -5.430  7.623   1.00 47.16 ? 57 HOH A O     1 
HETATM 446 O  O     . HOH E 3 .  ? -2.962  -0.557  3.210   1.00 47.80 ? 58 HOH A O     1 
HETATM 447 O  O     . HOH E 3 .  ? -12.856 -1.733  4.479   1.00 44.57 ? 62 HOH A O     1 
HETATM 448 O  O     . HOH E 3 .  ? 1.959   -6.155  8.721   1.00 45.90 ? 64 HOH A O     1 
HETATM 449 O  O     . HOH E 3 .  ? -10.523 6.740   -1.151  1.00 49.12 ? 67 HOH A O     1 
HETATM 450 O  O     . HOH E 3 .  ? 0.147   -1.259  2.494   1.00 47.95 ? 69 HOH A O     1 
HETATM 451 O  O     . HOH E 3 .  ? -21.929 0.710   4.531   1.00 52.47 ? 71 HOH A O     1 
HETATM 452 O  O     . HOH E 3 .  ? -23.862 4.247   9.376   1.00 54.67 ? 73 HOH A O     1 
HETATM 453 O  O     . HOH E 3 .  ? 10.742  8.060   10.164  1.00 47.89 ? 74 HOH A O     1 
HETATM 454 O  O     . HOH E 3 .  ? 0.618   -1.693  6.392   1.00 52.39 ? 77 HOH A O     1 
HETATM 455 O  O     . HOH E 3 .  ? 3.759   3.347   8.038   1.00 49.84 ? 79 HOH A O     1 
HETATM 456 O  O     . HOH E 3 .  ? 6.256   -7.198  7.798   1.00 49.35 ? 81 HOH A O     1 
HETATM 457 O  O     . HOH E 3 .  ? 16.409  6.185   2.640   1.00 41.08 ? 82 HOH A O     1 
HETATM 458 O  O     . HOH E 3 .  ? -4.877  1.857   -1.670  1.00 47.50 ? 91 HOH A O     1 
HETATM 459 O  O     . HOH E 3 .  ? -8.583  0.753   2.990   1.00 45.83 ? 92 HOH A O     1 
HETATM 460 O  O     . HOH F 3 .  ? -9.488  8.237   9.322   1.00 47.71 ? 29 HOH B O     1 
HETATM 461 O  O     . HOH F 3 .  ? -2.081  -4.009  19.542  1.00 42.71 ? 30 HOH B O     1 
HETATM 462 O  O     . HOH F 3 .  ? 8.407   6.727   -5.200  1.00 32.14 ? 34 HOH B O     1 
HETATM 463 O  O     . HOH F 3 .  ? 1.139   -2.368  -8.781  1.00 26.56 ? 36 HOH B O     1 
HETATM 464 O  O     . HOH F 3 .  ? -0.084  2.136   -4.191  1.00 33.26 ? 38 HOH B O     1 
HETATM 465 O  O     . HOH F 3 .  ? 8.251   4.585   -2.928  1.00 28.17 ? 40 HOH B O     1 
HETATM 466 O  O     . HOH F 3 .  ? 5.973   3.304   12.720  1.00 60.88 ? 41 HOH B O     1 
HETATM 467 O  O     . HOH F 3 .  ? -16.484 5.510   6.885   1.00 52.65 ? 45 HOH B O     1 
HETATM 468 O  O     . HOH F 3 .  ? 9.988   -5.331  -10.098 1.00 43.18 ? 51 HOH B O     1 
HETATM 469 O  O     . HOH F 3 .  ? -5.256  3.800   14.945  1.00 53.74 ? 53 HOH B O     1 
HETATM 470 O  O     . HOH F 3 .  ? -6.236  11.087  -1.251  1.00 53.79 ? 55 HOH B O     1 
HETATM 471 O  O     . HOH F 3 .  ? 0.460   -5.258  14.002  1.00 48.32 ? 56 HOH B O     1 
HETATM 472 O  O     . HOH F 3 .  ? 0.087   -2.653  14.974  1.00 48.13 ? 59 HOH B O     1 
HETATM 473 O  O     . HOH F 3 .  ? -5.056  -1.574  11.741  1.00 49.60 ? 60 HOH B O     1 
HETATM 474 O  O     . HOH F 3 .  ? -7.044  -1.342  6.334   1.00 50.68 ? 61 HOH B O     1 
HETATM 475 O  O     . HOH F 3 .  ? 0.918   1.408   7.221   1.00 45.35 ? 63 HOH B O     1 
HETATM 476 O  O     . HOH F 3 .  ? -8.285  1.604   12.300  1.00 47.46 ? 65 HOH B O     1 
HETATM 477 O  O     . HOH F 3 .  ? -10.760 2.675   7.607   1.00 51.90 ? 66 HOH B O     1 
HETATM 478 O  O     . HOH F 3 .  ? -11.769 5.384   3.755   1.00 49.42 ? 68 HOH B O     1 
HETATM 479 O  O     . HOH F 3 .  ? -3.929  -3.668  -10.942 1.00 48.36 ? 70 HOH B O     1 
HETATM 480 O  O     . HOH F 3 .  ? -12.843 3.696   13.566  1.00 50.43 ? 72 HOH B O     1 
HETATM 481 O  O     . HOH F 3 .  ? -3.648  6.216   19.378  1.00 53.63 ? 75 HOH B O     1 
HETATM 482 O  O     . HOH F 3 .  ? -8.504  9.825   0.329   1.00 50.97 ? 76 HOH B O     1 
HETATM 483 O  O     . HOH F 3 .  ? 0.444   -0.827  9.352   1.00 56.39 ? 78 HOH B O     1 
HETATM 484 O  O     . HOH F 3 .  ? -3.818  1.950   11.057  1.00 54.51 ? 80 HOH B O     1 
HETATM 485 O  O     . HOH F 3 .  ? 2.471   2.864   12.448  1.00 51.72 ? 83 HOH B O     1 
HETATM 486 O  O     . HOH F 3 .  ? -0.744  3.758   12.977  1.00 51.92 ? 84 HOH B O     1 
HETATM 487 O  O     . HOH F 3 .  ? -10.158 2.875   10.937  1.00 49.05 ? 85 HOH B O     1 
HETATM 488 O  O     . HOH F 3 .  ? -7.145  4.387   19.770  1.00 52.52 ? 86 HOH B O     1 
HETATM 489 O  O     . HOH F 3 .  ? -7.423  2.426   7.628   1.00 38.95 ? 87 HOH B O     1 
HETATM 490 O  O     . HOH F 3 .  ? -14.331 7.735   1.849   1.00 34.84 ? 88 HOH B O     1 
HETATM 491 O  O     . HOH F 3 .  ? -14.201 5.513   18.592  1.00 44.81 ? 89 HOH B O     1 
HETATM 492 O  O     . HOH F 3 .  ? 4.567   -2.021  12.026  1.00 48.15 ? 90 HOH B O     1 
HETATM 493 O  O     . HOH F 3 .  ? -13.640 4.736   9.321   1.00 49.26 ? 93 HOH B O     1 
HETATM 494 O  O     . HOH F 3 .  ? 7.154   -6.206  -2.569  1.00 45.24 ? 94 HOH B O     1 
# 
